data_7RAH
#
_entry.id   7RAH
#
_cell.length_a   65.559
_cell.length_b   117.020
_cell.length_c   254.709
_cell.angle_alpha   90.000
_cell.angle_beta   90.000
_cell.angle_gamma   90.000
#
_symmetry.space_group_name_H-M   'P 21 21 21'
#
loop_
_entity.id
_entity.type
_entity.pdbx_description
1 polymer 'M1H5 Fab Light Chain'
2 polymer 'M1H5 Fab Heavy Chain'
3 polymer 'M2B10 Fab Light Chain'
4 polymer 'M2B10 Fab Heavy Chain'
5 polymer 'Bifunctional adenylate cyclase toxin/hemolysin CyaA,Bifunctional adenylate cyclase toxin/hemolysin CyaA'
6 non-polymer 'PHOSPHATE ION'
7 non-polymer 'CALCIUM ION'
8 water water
#
loop_
_entity_poly.entity_id
_entity_poly.type
_entity_poly.pdbx_seq_one_letter_code
_entity_poly.pdbx_strand_id
1 'polypeptide(L)'
;DIQMIQSTSSLSASLGDRVTISCRASQDISNYLNWYQQKPDGTVKLLIYYTSRLHSGVPSRFSGSGSGTDYSLTISNLEQ
EDIATYFCQQGNTLPYTFGGGTKLEIKRTADAAPTVSIFPPSSEQLTSGGASVVCFLNNFYPKDINVKWKIDGSERQNGV
LNSWTDQDSKDSTYSMSSTLTLTKDEYERHNSYTCEATHKTSTSPIVKSFNRNEC
;
A
2 'polypeptide(L)'
;EVNLVESGGDLVKPGGSLKLSCAASGFTFSSYGMSWVRQTPDKRLEWVATISSGGTYTYYPDSVKGRFTISRDNAKNTLY
LQMSSLKSEDTAMYYCAREIMRGGGYYFDYWSQGTTLTVSSRSTKGPSVFPLAPSSKSTSGGTAALGCLVKDYFPEPVTV
SWNSGALTSGVHTFPAVLQSSGLYSLSSVVTVPSSSLGTQTYICNVNHKPSNTKVDKKVEPKSCDKGLEVLFQ
;
B
3 'polypeptide(L)'
;IVMTQSPAILSASLGERVTMTCTASSSVSSSYLHWYQQKPGSSPKLWIYSTSNLASGVPARFSGSGSGTSYSLTISSMEA
EDAATYYCHQYHRSPPTFGAGTKLEIKRTVAAPSVFIFPPSDEQLKSGTASVVCLLNNFYPREAKVQWKVDNALQSGNSQ
ESVTEQDSKDSTYSLSSTLTLSKADYEKHKVYACEVTHQGLSSPVTKSFNRGEC
;
C
4 'polypeptide(L)'
;EVQLQQSGAELVRPGTSVKVSCKASGYAFTNYLIEWVKQRPGQGLEWIGVINPGIGNTNYNEKFKGKATLTADKSSSTVY
MQLSSLTSDDSAVYFCARGLNYGSSQHWYFDVWGAGTSVTVSSRSTKGPSVFPLAPSSKSTSGGTAALGCLVKDYFPEPV
TVSWNSGALTSGVHTFPAVLQSSGLYSLSSVVTVPSSSLGTQTYICNVNHKPSNTKVDKKVEPKSCDKGLEVLFQ
;
D
5 'polypeptide(L)'
;GPGSGGAGNDSITGNAHDNFLAGGSGDDRLDGGAGNDTLVGGEGQNTVIGGAGDDVFLQDLGVWSNQLDGGAGVDTVKYN
VHQPSEERLERMGDTGIHADLQKGTVEKWPALNLFSVDHVKNIENLHGSRLNDRIAGDDQDNELWGHDGNDTIRGRGGDD
ILRGGLGLDTLYGEDGNDIFLQDDETVSDDIDGGAGLDTVDYSAMIHPGRIVAPHEYGFGIEADLSREWVRKASALGVDY
YDNVRNVENVIGTSMKDVLIGDAQANTLMGQGGDDTVRGGDGDDLLFGGDGNDMLYGDAGNDTLYGGLGDDTLEGGAGND
WFGQTQAREHDVLRGGDGVDTYLFGVGYGHDTIYESGGGHDTIRINAGADQLWFARQGNDLEIRILGTDDALTVHDWYRD
ADHRVEIIHAANQAVDQAGIEKLVEAMAQYPDPGAAAAAPPAARVPDTLMQSLAVNWR
;
E
#
loop_
_chem_comp.id
_chem_comp.type
_chem_comp.name
_chem_comp.formula
CA non-polymer 'CALCIUM ION' 'Ca 2'
PO4 non-polymer 'PHOSPHATE ION' 'O4 P -3'
#
# COMPACT_ATOMS: atom_id res chain seq x y z
N ASP A 1 35.85 -10.89 -1.72
CA ASP A 1 34.75 -10.84 -0.76
C ASP A 1 35.03 -11.69 0.46
N ILE A 2 34.20 -11.54 1.49
CA ILE A 2 34.33 -12.34 2.70
C ILE A 2 33.75 -13.72 2.44
N GLN A 3 34.54 -14.75 2.72
CA GLN A 3 34.12 -16.14 2.52
C GLN A 3 33.71 -16.74 3.86
N MET A 4 32.55 -17.36 3.89
CA MET A 4 32.05 -18.05 5.08
C MET A 4 32.22 -19.55 4.86
N ILE A 5 33.01 -20.18 5.72
CA ILE A 5 33.34 -21.60 5.59
C ILE A 5 32.78 -22.34 6.80
N GLN A 6 31.89 -23.29 6.55
CA GLN A 6 31.46 -24.25 7.55
C GLN A 6 32.16 -25.57 7.23
N SER A 7 33.09 -25.97 8.11
CA SER A 7 33.95 -27.11 7.80
C SER A 7 33.15 -28.40 7.62
N THR A 8 32.03 -28.53 8.32
CA THR A 8 31.18 -29.71 8.23
C THR A 8 30.01 -29.43 7.30
N SER A 9 29.89 -30.24 6.25
CA SER A 9 28.75 -30.12 5.33
C SER A 9 27.55 -30.93 5.79
N SER A 10 27.78 -32.01 6.55
CA SER A 10 26.71 -32.86 7.04
C SER A 10 27.19 -33.57 8.30
N LEU A 11 26.27 -33.75 9.25
CA LEU A 11 26.59 -34.45 10.47
C LEU A 11 25.32 -35.11 11.01
N SER A 12 25.52 -36.18 11.78
CA SER A 12 24.42 -36.91 12.40
C SER A 12 24.68 -36.98 13.90
N ALA A 13 23.65 -36.72 14.70
CA ALA A 13 23.77 -36.76 16.14
C ALA A 13 22.50 -37.36 16.72
N SER A 14 22.62 -37.84 17.96
CA SER A 14 21.51 -38.53 18.61
C SER A 14 20.56 -37.54 19.27
N LEU A 15 19.37 -38.04 19.60
CA LEU A 15 18.42 -37.24 20.35
C LEU A 15 18.95 -36.95 21.75
N GLY A 16 18.70 -35.74 22.24
CA GLY A 16 19.22 -35.31 23.52
C GLY A 16 20.69 -34.98 23.52
N ASP A 17 21.39 -35.16 22.40
CA ASP A 17 22.82 -34.86 22.32
C ASP A 17 23.04 -33.36 22.21
N ARG A 18 24.27 -32.94 22.54
CA ARG A 18 24.70 -31.57 22.35
C ARG A 18 25.43 -31.48 21.02
N VAL A 19 24.92 -30.63 20.12
CA VAL A 19 25.43 -30.51 18.76
C VAL A 19 26.01 -29.12 18.59
N THR A 20 27.19 -29.05 17.98
CA THR A 20 27.86 -27.79 17.69
C THR A 20 28.18 -27.71 16.21
N ILE A 21 27.78 -26.62 15.57
CA ILE A 21 28.09 -26.33 14.18
C ILE A 21 28.99 -25.10 14.14
N SER A 22 30.12 -25.22 13.46
CA SER A 22 31.11 -24.15 13.41
C SER A 22 31.01 -23.37 12.11
N CYS A 23 31.42 -22.10 12.19
CA CYS A 23 31.46 -21.21 11.04
C CYS A 23 32.77 -20.41 11.13
N ARG A 24 33.39 -20.17 9.98
CA ARG A 24 34.64 -19.42 9.93
C ARG A 24 34.58 -18.38 8.82
N ALA A 25 34.97 -17.17 9.14
CA ALA A 25 35.03 -16.08 8.18
C ALA A 25 36.48 -15.81 7.80
N SER A 26 36.68 -15.42 6.54
CA SER A 26 38.03 -15.10 6.05
C SER A 26 38.55 -13.79 6.61
N GLN A 27 37.70 -12.97 7.21
CA GLN A 27 38.10 -11.71 7.82
C GLN A 27 37.39 -11.56 9.15
N ASP A 28 37.77 -10.53 9.89
CA ASP A 28 37.03 -10.17 11.10
C ASP A 28 35.70 -9.54 10.71
N ILE A 29 34.60 -10.14 11.16
CA ILE A 29 33.26 -9.67 10.83
C ILE A 29 32.61 -8.98 12.01
N SER A 30 33.36 -8.71 13.09
CA SER A 30 32.92 -7.86 14.19
C SER A 30 31.62 -8.37 14.81
N ASN A 31 31.52 -9.68 14.99
CA ASN A 31 30.41 -10.38 15.64
C ASN A 31 29.09 -10.27 14.88
N TYR A 32 29.07 -9.62 13.71
CA TYR A 32 27.86 -9.59 12.90
C TYR A 32 27.67 -10.93 12.21
N LEU A 33 27.29 -11.95 12.98
CA LEU A 33 27.18 -13.31 12.49
C LEU A 33 25.78 -13.82 12.80
N ASN A 34 25.09 -14.33 11.78
CA ASN A 34 23.71 -14.79 11.92
C ASN A 34 23.60 -16.26 11.51
N TRP A 35 22.64 -16.94 12.10
CA TRP A 35 22.37 -18.35 11.80
C TRP A 35 20.94 -18.49 11.31
N TYR A 36 20.78 -19.28 10.25
CA TYR A 36 19.47 -19.56 9.68
C TYR A 36 19.24 -21.06 9.62
N GLN A 37 17.98 -21.45 9.81
CA GLN A 37 17.56 -22.84 9.76
C GLN A 37 16.64 -23.04 8.56
N GLN A 38 16.99 -23.99 7.69
CA GLN A 38 16.14 -24.37 6.57
C GLN A 38 15.63 -25.78 6.82
N LYS A 39 14.33 -25.90 7.08
CA LYS A 39 13.71 -27.20 7.25
C LYS A 39 13.73 -27.96 5.92
N PRO A 40 13.57 -29.28 5.96
CA PRO A 40 13.58 -30.06 4.71
C PRO A 40 12.57 -29.60 3.69
N ASP A 41 11.45 -29.01 4.11
CA ASP A 41 10.46 -28.51 3.16
C ASP A 41 10.86 -27.19 2.51
N GLY A 42 12.04 -26.65 2.84
CA GLY A 42 12.56 -25.47 2.18
C GLY A 42 12.37 -24.17 2.93
N THR A 43 11.51 -24.13 3.95
CA THR A 43 11.25 -22.89 4.65
C THR A 43 12.47 -22.46 5.46
N VAL A 44 12.77 -21.16 5.44
CA VAL A 44 13.95 -20.60 6.07
C VAL A 44 13.50 -19.75 7.26
N LYS A 45 14.18 -19.92 8.39
CA LYS A 45 13.86 -19.18 9.61
C LYS A 45 15.15 -18.69 10.25
N LEU A 46 15.10 -17.46 10.79
CA LEU A 46 16.23 -16.91 11.51
C LEU A 46 16.26 -17.45 12.93
N LEU A 47 17.42 -18.01 13.33
CA LEU A 47 17.61 -18.51 14.68
C LEU A 47 18.33 -17.51 15.58
N ILE A 48 19.45 -16.98 15.12
CA ILE A 48 20.32 -16.15 15.93
C ILE A 48 20.90 -15.05 15.06
N TYR A 49 20.95 -13.83 15.60
CA TYR A 49 21.62 -12.71 14.95
C TYR A 49 22.65 -12.14 15.93
N TYR A 50 23.63 -11.43 15.37
CA TYR A 50 24.69 -10.80 16.16
C TYR A 50 25.37 -11.81 17.08
N THR A 51 25.79 -12.93 16.48
CA THR A 51 26.54 -13.99 17.14
C THR A 51 25.72 -14.75 18.18
N SER A 52 25.03 -14.06 19.08
CA SER A 52 24.42 -14.74 20.22
C SER A 52 22.98 -14.31 20.53
N ARG A 53 22.42 -13.34 19.83
CA ARG A 53 21.08 -12.87 20.14
C ARG A 53 20.04 -13.79 19.50
N LEU A 54 19.10 -14.28 20.31
CA LEU A 54 18.09 -15.21 19.85
C LEU A 54 16.89 -14.46 19.27
N HIS A 55 16.46 -14.88 18.10
CA HIS A 55 15.26 -14.33 17.48
C HIS A 55 14.03 -14.71 18.30
N SER A 56 12.95 -13.94 18.10
CA SER A 56 11.71 -14.21 18.81
C SER A 56 11.16 -15.57 18.43
N GLY A 57 10.67 -16.30 19.44
CA GLY A 57 10.09 -17.61 19.22
C GLY A 57 11.09 -18.74 19.06
N VAL A 58 12.38 -18.47 19.21
CA VAL A 58 13.41 -19.51 19.05
C VAL A 58 13.62 -20.19 20.39
N PRO A 59 13.59 -21.52 20.46
CA PRO A 59 13.78 -22.21 21.75
C PRO A 59 15.16 -21.92 22.34
N SER A 60 15.19 -21.87 23.67
CA SER A 60 16.40 -21.48 24.38
C SER A 60 17.51 -22.51 24.29
N ARG A 61 17.24 -23.71 23.79
CA ARG A 61 18.30 -24.69 23.59
C ARG A 61 19.21 -24.34 22.43
N PHE A 62 18.86 -23.32 21.63
CA PHE A 62 19.75 -22.77 20.62
C PHE A 62 20.62 -21.68 21.23
N SER A 63 21.90 -21.69 20.88
CA SER A 63 22.83 -20.71 21.39
C SER A 63 23.92 -20.45 20.37
N GLY A 64 24.50 -19.26 20.44
CA GLY A 64 25.58 -18.89 19.54
C GLY A 64 26.69 -18.22 20.30
N SER A 65 27.92 -18.37 19.78
CA SER A 65 29.09 -17.79 20.42
C SER A 65 30.17 -17.61 19.36
N GLY A 66 31.20 -16.86 19.74
CA GLY A 66 32.34 -16.61 18.88
C GLY A 66 32.69 -15.15 18.83
N SER A 67 33.76 -14.86 18.09
CA SER A 67 34.25 -13.50 17.85
C SER A 67 35.33 -13.59 16.79
N GLY A 68 35.70 -12.42 16.26
CA GLY A 68 36.71 -12.36 15.23
C GLY A 68 36.31 -13.12 13.97
N THR A 69 36.87 -14.31 13.79
CA THR A 69 36.61 -15.13 12.61
C THR A 69 35.95 -16.47 12.93
N ASP A 70 35.94 -16.89 14.19
CA ASP A 70 35.41 -18.20 14.58
C ASP A 70 34.08 -18.02 15.29
N TYR A 71 33.06 -18.76 14.85
CA TYR A 71 31.72 -18.67 15.41
C TYR A 71 31.09 -20.05 15.46
N SER A 72 30.21 -20.26 16.43
CA SER A 72 29.63 -21.56 16.66
C SER A 72 28.13 -21.44 16.93
N LEU A 73 27.37 -22.40 16.38
CA LEU A 73 25.98 -22.61 16.72
C LEU A 73 25.89 -23.87 17.56
N THR A 74 25.18 -23.79 18.69
CA THR A 74 25.09 -24.91 19.62
C THR A 74 23.64 -25.22 19.93
N ILE A 75 23.27 -26.49 19.75
CA ILE A 75 21.98 -27.02 20.17
C ILE A 75 22.24 -27.87 21.41
N SER A 76 21.71 -27.45 22.55
CA SER A 76 22.09 -28.07 23.81
C SER A 76 21.45 -29.45 23.98
N ASN A 77 20.21 -29.61 23.53
CA ASN A 77 19.50 -30.88 23.65
C ASN A 77 18.81 -31.14 22.31
N LEU A 78 19.46 -31.94 21.46
CA LEU A 78 18.96 -32.18 20.12
C LEU A 78 17.57 -32.80 20.17
N GLU A 79 16.64 -32.21 19.42
CA GLU A 79 15.26 -32.68 19.38
C GLU A 79 14.93 -33.10 17.96
N GLN A 80 13.88 -33.91 17.83
CA GLN A 80 13.55 -34.52 16.55
C GLN A 80 13.19 -33.48 15.49
N GLU A 81 12.57 -32.37 15.91
CA GLU A 81 12.20 -31.33 14.96
C GLU A 81 13.40 -30.54 14.43
N ASP A 82 14.58 -30.77 14.97
CA ASP A 82 15.77 -29.99 14.60
C ASP A 82 16.46 -30.54 13.35
N ILE A 83 15.88 -31.55 12.70
CA ILE A 83 16.41 -32.00 11.42
C ILE A 83 16.26 -30.88 10.41
N ALA A 84 17.39 -30.35 9.94
CA ALA A 84 17.40 -29.20 9.04
C ALA A 84 18.83 -28.95 8.58
N THR A 85 18.97 -28.00 7.66
CA THR A 85 20.26 -27.49 7.23
C THR A 85 20.45 -26.11 7.84
N TYR A 86 21.64 -25.87 8.40
CA TYR A 86 21.93 -24.65 9.13
C TYR A 86 23.00 -23.84 8.40
N PHE A 87 22.69 -22.58 8.13
CA PHE A 87 23.57 -21.68 7.42
C PHE A 87 24.01 -20.55 8.35
N CYS A 88 25.29 -20.18 8.26
CA CYS A 88 25.76 -18.95 8.87
C CYS A 88 25.85 -17.86 7.81
N GLN A 89 25.90 -16.62 8.27
CA GLN A 89 25.91 -15.47 7.36
C GLN A 89 26.51 -14.27 8.09
N GLN A 90 27.42 -13.57 7.42
CA GLN A 90 27.98 -12.35 7.96
C GLN A 90 27.18 -11.16 7.45
N GLY A 91 26.86 -10.24 8.35
CA GLY A 91 26.12 -9.04 7.99
C GLY A 91 26.97 -7.79 8.12
N ASN A 92 28.28 -7.96 8.04
CA ASN A 92 29.19 -6.84 8.20
C ASN A 92 29.27 -6.00 6.93
N THR A 93 29.68 -6.61 5.82
CA THR A 93 29.98 -5.88 4.60
C THR A 93 29.31 -6.52 3.40
N LEU A 94 29.00 -5.68 2.41
CA LEU A 94 28.49 -6.16 1.13
C LEU A 94 29.61 -6.87 0.38
N PRO A 95 29.32 -8.01 -0.27
CA PRO A 95 28.03 -8.70 -0.26
C PRO A 95 27.86 -9.55 1.00
N TYR A 96 26.61 -9.77 1.40
CA TYR A 96 26.32 -10.45 2.67
C TYR A 96 26.34 -11.94 2.40
N THR A 97 27.51 -12.54 2.61
CA THR A 97 27.79 -13.90 2.17
C THR A 97 27.32 -14.93 3.19
N PHE A 98 26.88 -16.08 2.68
CA PHE A 98 26.42 -17.20 3.48
C PHE A 98 27.46 -18.30 3.51
N GLY A 99 27.50 -19.03 4.62
CA GLY A 99 28.25 -20.27 4.67
C GLY A 99 27.59 -21.34 3.80
N GLY A 100 28.36 -22.40 3.55
CA GLY A 100 27.88 -23.46 2.68
C GLY A 100 26.72 -24.26 3.26
N GLY A 101 26.47 -24.13 4.56
CA GLY A 101 25.38 -24.88 5.17
C GLY A 101 25.84 -26.19 5.76
N THR A 102 25.13 -26.62 6.81
CA THR A 102 25.43 -27.88 7.49
C THR A 102 24.12 -28.64 7.67
N LYS A 103 23.94 -29.72 6.91
CA LYS A 103 22.77 -30.56 7.03
C LYS A 103 22.87 -31.43 8.29
N LEU A 104 21.85 -31.37 9.13
CA LEU A 104 21.81 -32.10 10.39
C LEU A 104 20.75 -33.20 10.31
N GLU A 105 21.17 -34.42 10.61
CA GLU A 105 20.30 -35.58 10.57
C GLU A 105 20.38 -36.33 11.90
N ILE A 106 19.32 -37.06 12.22
CA ILE A 106 19.25 -37.78 13.49
C ILE A 106 19.99 -39.10 13.36
N LYS A 107 20.90 -39.36 14.30
CA LYS A 107 21.55 -40.66 14.43
C LYS A 107 20.60 -41.58 15.18
N ARG A 108 19.88 -42.42 14.43
CA ARG A 108 18.85 -43.27 15.03
C ARG A 108 19.47 -44.24 16.04
N THR A 109 18.73 -44.52 17.10
CA THR A 109 19.20 -45.40 18.17
C THR A 109 19.04 -46.87 17.83
N ALA A 110 18.58 -47.20 16.64
CA ALA A 110 18.45 -48.59 16.21
C ALA A 110 18.41 -48.63 14.69
N ASP A 111 19.03 -49.65 14.12
CA ASP A 111 18.95 -49.86 12.68
C ASP A 111 17.59 -50.44 12.31
N ALA A 112 17.19 -50.22 11.06
CA ALA A 112 15.91 -50.68 10.56
C ALA A 112 16.14 -51.42 9.25
N ALA A 113 15.63 -52.65 9.16
CA ALA A 113 15.82 -53.44 7.95
C ALA A 113 14.87 -52.95 6.85
N PRO A 114 15.32 -52.94 5.60
CA PRO A 114 14.44 -52.48 4.52
C PRO A 114 13.39 -53.53 4.21
N THR A 115 12.21 -53.05 3.83
CA THR A 115 11.20 -53.87 3.18
C THR A 115 11.17 -53.46 1.71
N VAL A 116 11.25 -54.45 0.83
CA VAL A 116 11.50 -54.22 -0.59
C VAL A 116 10.27 -54.62 -1.40
N SER A 117 9.85 -53.74 -2.29
CA SER A 117 8.77 -54.01 -3.23
C SER A 117 9.27 -53.76 -4.64
N ILE A 118 8.73 -54.52 -5.59
CA ILE A 118 9.10 -54.37 -7.00
C ILE A 118 7.82 -54.20 -7.81
N PHE A 119 7.81 -53.21 -8.70
CA PHE A 119 6.67 -52.95 -9.58
C PHE A 119 7.10 -53.13 -11.03
N PRO A 120 6.58 -54.12 -11.74
CA PRO A 120 6.90 -54.25 -13.17
C PRO A 120 6.35 -53.07 -13.94
N PRO A 121 6.78 -52.87 -15.18
CA PRO A 121 6.20 -51.79 -16.00
C PRO A 121 4.68 -51.87 -16.05
N SER A 122 4.05 -50.72 -15.82
CA SER A 122 2.59 -50.63 -15.90
C SER A 122 2.09 -51.07 -17.26
N SER A 123 0.88 -51.63 -17.29
CA SER A 123 0.23 -51.92 -18.56
C SER A 123 0.01 -50.65 -19.37
N GLU A 124 -0.27 -49.54 -18.69
CA GLU A 124 -0.46 -48.26 -19.38
C GLU A 124 0.84 -47.77 -19.99
N GLN A 125 1.96 -47.92 -19.28
CA GLN A 125 3.24 -47.49 -19.81
C GLN A 125 3.66 -48.34 -21.01
N LEU A 126 3.50 -49.66 -20.90
CA LEU A 126 3.83 -50.54 -22.01
C LEU A 126 3.01 -50.20 -23.25
N THR A 127 1.71 -49.96 -23.05
CA THR A 127 0.86 -49.56 -24.17
C THR A 127 1.36 -48.26 -24.81
N SER A 128 1.86 -47.33 -23.99
CA SER A 128 2.37 -46.07 -24.49
C SER A 128 3.78 -46.18 -25.07
N GLY A 129 4.43 -47.33 -24.93
CA GLY A 129 5.72 -47.55 -25.56
C GLY A 129 6.93 -47.45 -24.65
N GLY A 130 6.74 -47.42 -23.33
CA GLY A 130 7.84 -47.31 -22.39
C GLY A 130 7.92 -48.51 -21.47
N ALA A 131 8.97 -48.54 -20.67
CA ALA A 131 9.17 -49.61 -19.70
C ALA A 131 10.04 -49.09 -18.58
N SER A 132 9.51 -49.09 -17.36
CA SER A 132 10.24 -48.70 -16.16
C SER A 132 9.94 -49.70 -15.07
N VAL A 133 10.97 -50.39 -14.58
CA VAL A 133 10.84 -51.30 -13.45
C VAL A 133 11.24 -50.53 -12.20
N VAL A 134 10.33 -50.47 -11.22
CA VAL A 134 10.50 -49.67 -10.03
C VAL A 134 10.73 -50.58 -8.83
N CYS A 135 11.83 -50.37 -8.11
CA CYS A 135 12.13 -51.05 -6.88
C CYS A 135 11.99 -50.08 -5.72
N PHE A 136 11.20 -50.44 -4.73
CA PHE A 136 10.86 -49.54 -3.61
C PHE A 136 11.40 -50.15 -2.32
N LEU A 137 12.35 -49.46 -1.70
CA LEU A 137 12.96 -49.88 -0.44
C LEU A 137 12.52 -48.90 0.65
N ASN A 138 11.93 -49.43 1.72
CA ASN A 138 11.11 -48.63 2.60
C ASN A 138 11.52 -48.78 4.06
N ASN A 139 11.64 -47.64 4.75
CA ASN A 139 11.74 -47.58 6.21
C ASN A 139 12.96 -48.33 6.74
N PHE A 140 14.15 -47.88 6.32
CA PHE A 140 15.39 -48.51 6.74
C PHE A 140 16.35 -47.47 7.29
N TYR A 141 17.33 -47.96 8.06
CA TYR A 141 18.38 -47.13 8.64
C TYR A 141 19.57 -48.04 8.90
N PRO A 142 20.81 -47.60 8.62
CA PRO A 142 21.21 -46.28 8.11
C PRO A 142 20.88 -46.04 6.64
N LYS A 143 21.15 -44.82 6.17
CA LYS A 143 20.78 -44.44 4.81
C LYS A 143 21.55 -45.22 3.76
N ASP A 144 22.78 -45.64 4.08
CA ASP A 144 23.63 -46.32 3.12
C ASP A 144 22.98 -47.63 2.66
N ILE A 145 22.83 -47.77 1.35
CA ILE A 145 22.24 -48.98 0.77
C ILE A 145 22.72 -49.10 -0.67
N ASN A 146 22.95 -50.34 -1.10
CA ASN A 146 23.39 -50.64 -2.46
C ASN A 146 22.32 -51.45 -3.16
N VAL A 147 22.02 -51.09 -4.41
CA VAL A 147 21.01 -51.76 -5.21
C VAL A 147 21.65 -52.22 -6.51
N LYS A 148 21.45 -53.50 -6.84
CA LYS A 148 21.98 -54.10 -8.05
C LYS A 148 20.82 -54.70 -8.85
N TRP A 149 20.76 -54.37 -10.14
CA TRP A 149 19.73 -54.87 -11.03
C TRP A 149 20.27 -56.01 -11.87
N LYS A 150 19.48 -57.07 -12.02
CA LYS A 150 19.81 -58.20 -12.87
C LYS A 150 18.68 -58.45 -13.85
N ILE A 151 19.03 -58.65 -15.11
CA ILE A 151 18.08 -59.00 -16.16
C ILE A 151 18.48 -60.37 -16.69
N ASP A 152 17.67 -61.38 -16.39
CA ASP A 152 17.98 -62.77 -16.73
C ASP A 152 19.33 -63.19 -16.15
N GLY A 153 19.58 -62.77 -14.91
CA GLY A 153 20.80 -63.10 -14.21
C GLY A 153 21.99 -62.21 -14.49
N SER A 154 21.92 -61.37 -15.53
CA SER A 154 23.03 -60.52 -15.91
C SER A 154 22.83 -59.12 -15.36
N GLU A 155 23.88 -58.56 -14.77
CA GLU A 155 23.77 -57.28 -14.07
C GLU A 155 23.61 -56.13 -15.09
N ARG A 156 22.67 -55.23 -14.81
CA ARG A 156 22.39 -54.08 -15.64
C ARG A 156 22.65 -52.81 -14.84
N GLN A 157 23.53 -51.97 -15.35
CA GLN A 157 23.90 -50.71 -14.69
C GLN A 157 23.35 -49.48 -15.39
N ASN A 158 23.44 -49.42 -16.71
CA ASN A 158 22.95 -48.26 -17.44
C ASN A 158 21.44 -48.16 -17.37
N GLY A 159 20.93 -46.93 -17.30
CA GLY A 159 19.51 -46.70 -17.24
C GLY A 159 18.87 -46.91 -15.89
N VAL A 160 19.65 -46.84 -14.81
CA VAL A 160 19.13 -47.01 -13.45
C VAL A 160 19.12 -45.65 -12.78
N LEU A 161 17.96 -45.28 -12.24
CA LEU A 161 17.75 -44.00 -11.56
C LEU A 161 17.45 -44.27 -10.10
N ASN A 162 18.24 -43.67 -9.21
CA ASN A 162 18.10 -43.87 -7.77
C ASN A 162 17.70 -42.57 -7.11
N SER A 163 16.83 -42.67 -6.11
CA SER A 163 16.31 -41.50 -5.41
C SER A 163 16.03 -41.87 -3.95
N TRP A 164 16.29 -40.93 -3.06
CA TRP A 164 16.09 -41.11 -1.62
C TRP A 164 15.12 -40.06 -1.10
N THR A 165 14.28 -40.45 -0.14
CA THR A 165 13.51 -39.46 0.59
C THR A 165 14.38 -38.83 1.67
N ASP A 166 13.99 -37.62 2.08
CA ASP A 166 14.61 -37.03 3.26
C ASP A 166 14.32 -37.90 4.48
N GLN A 167 15.20 -37.81 5.48
CA GLN A 167 15.02 -38.59 6.69
C GLN A 167 13.63 -38.35 7.27
N ASP A 168 12.91 -39.44 7.52
CA ASP A 168 11.55 -39.33 8.05
C ASP A 168 11.55 -38.51 9.33
N SER A 169 10.73 -37.46 9.35
CA SER A 169 10.73 -36.54 10.47
C SER A 169 10.30 -37.19 11.77
N LYS A 170 9.62 -38.33 11.71
CA LYS A 170 9.16 -39.05 12.90
C LYS A 170 9.95 -40.31 13.15
N ASP A 171 10.05 -41.19 12.15
CA ASP A 171 10.70 -42.49 12.31
C ASP A 171 12.22 -42.39 12.26
N SER A 172 12.77 -41.33 11.68
CA SER A 172 14.21 -41.16 11.43
C SER A 172 14.75 -42.21 10.46
N THR A 173 13.88 -42.86 9.69
CA THR A 173 14.29 -43.82 8.69
C THR A 173 14.33 -43.19 7.30
N TYR A 174 14.85 -43.95 6.34
CA TYR A 174 14.97 -43.50 4.97
C TYR A 174 14.22 -44.46 4.04
N SER A 175 13.83 -43.93 2.88
CA SER A 175 13.20 -44.71 1.83
C SER A 175 13.94 -44.44 0.52
N MET A 176 13.84 -45.39 -0.41
CA MET A 176 14.60 -45.31 -1.64
C MET A 176 13.82 -45.93 -2.79
N SER A 177 13.96 -45.32 -3.97
CA SER A 177 13.40 -45.86 -5.20
C SER A 177 14.53 -46.06 -6.21
N SER A 178 14.63 -47.26 -6.76
CA SER A 178 15.55 -47.57 -7.85
C SER A 178 14.72 -47.93 -9.06
N THR A 179 14.82 -47.12 -10.12
CA THR A 179 14.00 -47.28 -11.31
C THR A 179 14.89 -47.68 -12.48
N LEU A 180 14.69 -48.90 -12.98
CA LEU A 180 15.39 -49.39 -14.16
C LEU A 180 14.57 -49.01 -15.40
N THR A 181 15.12 -48.13 -16.23
CA THR A 181 14.45 -47.69 -17.44
C THR A 181 14.99 -48.46 -18.64
N LEU A 182 14.07 -49.04 -19.41
CA LEU A 182 14.41 -49.87 -20.56
C LEU A 182 13.55 -49.45 -21.73
N THR A 183 14.04 -49.69 -22.95
CA THR A 183 13.16 -49.60 -24.09
C THR A 183 12.12 -50.71 -24.01
N LYS A 184 10.92 -50.41 -24.49
CA LYS A 184 9.82 -51.37 -24.36
C LYS A 184 10.13 -52.67 -25.09
N ASP A 185 10.82 -52.58 -26.22
CA ASP A 185 11.17 -53.80 -26.96
C ASP A 185 12.17 -54.65 -26.19
N GLU A 186 13.16 -54.02 -25.56
CA GLU A 186 14.14 -54.78 -24.81
C GLU A 186 13.53 -55.43 -23.57
N TYR A 187 12.60 -54.74 -22.92
CA TYR A 187 11.96 -55.30 -21.73
C TYR A 187 11.21 -56.58 -22.07
N GLU A 188 10.58 -56.64 -23.24
CA GLU A 188 9.78 -57.78 -23.65
C GLU A 188 10.62 -58.85 -24.34
N ARG A 189 11.95 -58.72 -24.35
CA ARG A 189 12.84 -59.76 -24.82
C ARG A 189 13.46 -60.57 -23.69
N HIS A 190 13.20 -60.19 -22.44
CA HIS A 190 13.73 -60.89 -21.28
C HIS A 190 12.59 -61.13 -20.30
N ASN A 191 12.79 -62.12 -19.42
CA ASN A 191 11.73 -62.61 -18.55
C ASN A 191 11.97 -62.33 -17.08
N SER A 192 13.18 -62.53 -16.57
CA SER A 192 13.48 -62.40 -15.16
C SER A 192 14.09 -61.03 -14.87
N TYR A 193 13.56 -60.35 -13.85
CA TYR A 193 14.02 -59.04 -13.44
C TYR A 193 14.18 -59.05 -11.93
N THR A 194 15.38 -58.70 -11.45
CA THR A 194 15.74 -58.86 -10.06
C THR A 194 16.28 -57.56 -9.49
N CYS A 195 15.81 -57.21 -8.29
CA CYS A 195 16.32 -56.09 -7.51
C CYS A 195 17.03 -56.65 -6.28
N GLU A 196 18.32 -56.34 -6.14
CA GLU A 196 19.13 -56.86 -5.04
C GLU A 196 19.60 -55.70 -4.17
N ALA A 197 19.25 -55.74 -2.89
CA ALA A 197 19.60 -54.70 -1.94
C ALA A 197 20.56 -55.24 -0.89
N THR A 198 21.66 -54.54 -0.68
CA THR A 198 22.61 -54.83 0.38
C THR A 198 22.53 -53.74 1.43
N HIS A 199 22.28 -54.14 2.68
CA HIS A 199 22.10 -53.19 3.77
C HIS A 199 22.82 -53.71 5.01
N LYS A 200 23.19 -52.79 5.90
CA LYS A 200 23.92 -53.14 7.11
C LYS A 200 23.19 -54.19 7.93
N THR A 201 21.85 -54.21 7.88
CA THR A 201 21.04 -55.05 8.76
C THR A 201 21.05 -56.53 8.37
N SER A 202 21.76 -56.92 7.31
CA SER A 202 21.86 -58.32 6.93
C SER A 202 23.10 -58.51 6.07
N THR A 203 23.82 -59.60 6.31
CA THR A 203 24.97 -59.92 5.48
C THR A 203 24.54 -60.49 4.12
N SER A 204 23.41 -61.17 4.07
CA SER A 204 22.86 -61.64 2.80
C SER A 204 21.99 -60.56 2.18
N PRO A 205 22.11 -60.33 0.87
CA PRO A 205 21.31 -59.28 0.24
C PRO A 205 19.86 -59.68 0.10
N ILE A 206 19.00 -58.66 0.05
CA ILE A 206 17.57 -58.88 -0.18
C ILE A 206 17.33 -58.98 -1.67
N VAL A 207 16.71 -60.08 -2.09
CA VAL A 207 16.48 -60.36 -3.51
C VAL A 207 14.98 -60.28 -3.78
N LYS A 208 14.60 -59.38 -4.68
CA LYS A 208 13.21 -59.22 -5.09
C LYS A 208 13.14 -59.37 -6.61
N SER A 209 12.44 -60.41 -7.06
CA SER A 209 12.38 -60.73 -8.48
C SER A 209 10.94 -60.97 -8.91
N PHE A 210 10.68 -60.73 -10.19
CA PHE A 210 9.45 -61.16 -10.83
C PHE A 210 9.80 -61.69 -12.22
N ASN A 211 8.88 -62.46 -12.78
CA ASN A 211 9.03 -63.00 -14.13
C ASN A 211 7.93 -62.41 -14.99
N ARG A 212 8.33 -61.80 -16.12
CA ARG A 212 7.38 -61.10 -16.98
C ARG A 212 6.26 -62.02 -17.46
N ASN A 213 6.56 -63.30 -17.66
CA ASN A 213 5.58 -64.28 -18.12
C ASN A 213 4.83 -64.95 -16.98
N GLU A 214 5.07 -64.55 -15.73
CA GLU A 214 4.36 -65.07 -14.57
C GLU A 214 3.63 -63.91 -13.90
N CYS A 215 2.34 -64.07 -13.68
CA CYS A 215 1.50 -62.96 -13.22
C CYS A 215 1.60 -62.77 -11.71
N VAL B 2 3.60 -11.20 10.62
CA VAL B 2 4.49 -10.86 9.51
C VAL B 2 4.44 -11.94 8.44
N ASN B 3 4.11 -11.55 7.21
CA ASN B 3 3.92 -12.50 6.13
C ASN B 3 4.47 -11.92 4.83
N LEU B 4 5.20 -12.76 4.09
CA LEU B 4 5.74 -12.41 2.78
C LEU B 4 5.36 -13.52 1.81
N VAL B 5 4.68 -13.16 0.73
CA VAL B 5 4.17 -14.13 -0.24
C VAL B 5 4.83 -13.87 -1.58
N GLU B 6 5.75 -14.75 -1.96
CA GLU B 6 6.48 -14.64 -3.22
C GLU B 6 5.68 -15.27 -4.36
N SER B 7 6.01 -14.87 -5.58
CA SER B 7 5.35 -15.37 -6.78
C SER B 7 6.13 -14.91 -8.00
N GLY B 8 5.84 -15.55 -9.13
CA GLY B 8 6.39 -15.15 -10.41
C GLY B 8 7.37 -16.12 -11.03
N GLY B 9 7.80 -17.15 -10.31
CA GLY B 9 8.75 -18.09 -10.87
C GLY B 9 8.20 -18.79 -12.10
N ASP B 10 9.09 -19.07 -13.05
CA ASP B 10 8.71 -19.67 -14.32
C ASP B 10 9.97 -20.16 -15.02
N LEU B 11 9.77 -20.71 -16.22
CA LEU B 11 10.85 -21.15 -17.08
C LEU B 11 11.10 -20.11 -18.16
N VAL B 12 12.36 -19.72 -18.34
CA VAL B 12 12.74 -18.70 -19.30
C VAL B 12 13.93 -19.19 -20.10
N LYS B 13 13.94 -18.90 -21.39
CA LYS B 13 15.07 -19.28 -22.21
C LYS B 13 16.25 -18.37 -21.92
N PRO B 14 17.49 -18.85 -22.13
CA PRO B 14 18.67 -18.03 -21.83
C PRO B 14 18.64 -16.68 -22.54
N GLY B 15 18.85 -15.62 -21.76
CA GLY B 15 18.79 -14.27 -22.27
C GLY B 15 17.46 -13.58 -22.09
N GLY B 16 16.45 -14.27 -21.57
CA GLY B 16 15.13 -13.71 -21.39
C GLY B 16 14.99 -12.94 -20.08
N SER B 17 13.75 -12.54 -19.80
CA SER B 17 13.45 -11.72 -18.63
C SER B 17 12.31 -12.35 -17.84
N LEU B 18 12.21 -11.92 -16.58
CA LEU B 18 11.15 -12.36 -15.69
C LEU B 18 11.08 -11.40 -14.52
N LYS B 19 9.87 -11.18 -14.01
CA LYS B 19 9.64 -10.31 -12.87
C LYS B 19 8.97 -11.12 -11.76
N LEU B 20 9.61 -11.16 -10.59
CA LEU B 20 9.03 -11.77 -9.40
C LEU B 20 8.40 -10.70 -8.53
N SER B 21 7.39 -11.10 -7.75
CA SER B 21 6.71 -10.20 -6.83
C SER B 21 6.74 -10.79 -5.43
N CYS B 22 6.62 -9.91 -4.43
CA CYS B 22 6.52 -10.31 -3.04
C CYS B 22 5.50 -9.42 -2.36
N ALA B 23 4.39 -10.01 -1.93
CA ALA B 23 3.34 -9.28 -1.22
C ALA B 23 3.62 -9.36 0.27
N ALA B 24 3.72 -8.20 0.92
CA ALA B 24 4.01 -8.12 2.34
C ALA B 24 2.74 -7.78 3.12
N SER B 25 2.68 -8.26 4.35
CA SER B 25 1.57 -7.98 5.25
C SER B 25 2.02 -8.25 6.67
N GLY B 26 1.33 -7.61 7.62
CA GLY B 26 1.60 -7.79 9.03
C GLY B 26 2.60 -6.84 9.63
N PHE B 27 3.11 -5.87 8.87
CA PHE B 27 4.04 -4.89 9.40
C PHE B 27 4.00 -3.65 8.52
N THR B 28 4.66 -2.59 8.99
CA THR B 28 4.75 -1.34 8.25
C THR B 28 5.81 -1.53 7.16
N PHE B 29 5.35 -1.87 5.96
CA PHE B 29 6.24 -2.23 4.87
C PHE B 29 7.24 -1.12 4.56
N SER B 30 6.82 0.13 4.69
CA SER B 30 7.64 1.26 4.26
C SER B 30 8.72 1.64 5.25
N SER B 31 8.84 0.96 6.39
CA SER B 31 9.87 1.26 7.38
C SER B 31 11.07 0.34 7.27
N TYR B 32 11.03 -0.65 6.38
CA TYR B 32 12.02 -1.71 6.35
C TYR B 32 12.68 -1.80 4.98
N GLY B 33 13.99 -2.03 4.98
CA GLY B 33 14.65 -2.49 3.77
C GLY B 33 14.28 -3.94 3.50
N MET B 34 14.03 -4.24 2.23
CA MET B 34 13.65 -5.58 1.81
C MET B 34 14.71 -6.15 0.87
N SER B 35 14.75 -7.47 0.77
CA SER B 35 15.82 -8.15 0.06
C SER B 35 15.29 -9.36 -0.69
N TRP B 36 16.09 -9.80 -1.65
CA TRP B 36 15.89 -11.07 -2.34
C TRP B 36 17.10 -11.95 -2.11
N VAL B 37 16.86 -13.23 -1.84
CA VAL B 37 17.91 -14.22 -1.66
C VAL B 37 17.55 -15.45 -2.48
N ARG B 38 18.54 -16.04 -3.15
CA ARG B 38 18.31 -17.19 -4.00
C ARG B 38 19.16 -18.37 -3.54
N GLN B 39 18.66 -19.57 -3.84
CA GLN B 39 19.33 -20.82 -3.48
C GLN B 39 19.52 -21.65 -4.73
N THR B 40 20.77 -21.90 -5.11
CA THR B 40 21.09 -22.66 -6.28
C THR B 40 20.89 -24.16 -6.03
N PRO B 41 20.83 -24.97 -7.10
CA PRO B 41 20.60 -26.42 -6.91
C PRO B 41 21.56 -27.09 -5.94
N ASP B 42 22.76 -26.55 -5.75
CA ASP B 42 23.73 -27.08 -4.81
C ASP B 42 23.41 -26.69 -3.36
N LYS B 43 22.23 -26.13 -3.11
CA LYS B 43 21.72 -25.71 -1.81
C LYS B 43 22.43 -24.48 -1.25
N ARG B 44 23.37 -23.89 -1.97
CA ARG B 44 24.04 -22.70 -1.48
C ARG B 44 23.13 -21.48 -1.58
N LEU B 45 23.23 -20.60 -0.61
CA LEU B 45 22.41 -19.39 -0.51
C LEU B 45 23.21 -18.18 -0.97
N GLU B 46 22.54 -17.24 -1.64
CA GLU B 46 23.22 -16.07 -2.16
C GLU B 46 22.28 -14.87 -2.13
N TRP B 47 22.71 -13.81 -1.47
CA TRP B 47 21.98 -12.54 -1.50
C TRP B 47 22.12 -11.92 -2.88
N VAL B 48 21.01 -11.44 -3.43
CA VAL B 48 21.01 -10.89 -4.79
C VAL B 48 20.55 -9.44 -4.87
N ALA B 49 19.80 -8.93 -3.90
CA ALA B 49 19.38 -7.53 -3.97
C ALA B 49 18.84 -7.08 -2.62
N THR B 50 19.07 -5.81 -2.31
CA THR B 50 18.46 -5.12 -1.19
C THR B 50 18.06 -3.73 -1.66
N ILE B 51 16.90 -3.26 -1.22
CA ILE B 51 16.41 -1.93 -1.55
C ILE B 51 16.12 -1.19 -0.25
N SER B 52 16.39 0.12 -0.25
CA SER B 52 16.10 0.93 0.92
C SER B 52 14.59 1.10 1.09
N SER B 53 14.18 1.49 2.31
CA SER B 53 12.76 1.56 2.62
C SER B 53 12.03 2.54 1.72
N GLY B 54 12.69 3.64 1.34
CA GLY B 54 12.12 4.61 0.44
C GLY B 54 12.40 4.36 -1.03
N GLY B 55 13.16 3.31 -1.35
CA GLY B 55 13.46 2.98 -2.72
C GLY B 55 14.57 3.77 -3.36
N THR B 56 15.22 4.67 -2.62
CA THR B 56 16.24 5.53 -3.22
C THR B 56 17.51 4.75 -3.55
N TYR B 57 17.89 3.80 -2.69
CA TYR B 57 19.15 3.08 -2.84
C TYR B 57 18.87 1.60 -3.10
N THR B 58 19.60 1.03 -4.06
CA THR B 58 19.55 -0.39 -4.36
C THR B 58 20.96 -0.94 -4.32
N TYR B 59 21.10 -2.15 -3.78
CA TYR B 59 22.40 -2.80 -3.63
C TYR B 59 22.36 -4.18 -4.25
N TYR B 60 23.43 -4.53 -4.96
CA TYR B 60 23.52 -5.79 -5.69
C TYR B 60 24.91 -6.39 -5.54
N PRO B 61 25.02 -7.71 -5.50
CA PRO B 61 26.33 -8.34 -5.67
C PRO B 61 26.80 -8.20 -7.11
N ASP B 62 28.11 -8.42 -7.31
CA ASP B 62 28.68 -8.29 -8.65
C ASP B 62 28.07 -9.29 -9.62
N SER B 63 27.55 -10.41 -9.11
CA SER B 63 27.09 -11.49 -9.98
C SER B 63 25.78 -11.16 -10.69
N VAL B 64 25.02 -10.17 -10.22
CA VAL B 64 23.75 -9.80 -10.82
C VAL B 64 23.69 -8.33 -11.21
N LYS B 65 24.73 -7.55 -10.93
CA LYS B 65 24.71 -6.13 -11.23
C LYS B 65 24.58 -5.90 -12.73
N GLY B 66 23.78 -4.89 -13.09
CA GLY B 66 23.49 -4.59 -14.47
C GLY B 66 22.39 -5.44 -15.09
N ARG B 67 22.01 -6.54 -14.45
CA ARG B 67 20.99 -7.43 -14.97
C ARG B 67 19.72 -7.47 -14.13
N PHE B 68 19.83 -7.31 -12.81
CA PHE B 68 18.69 -7.40 -11.91
C PHE B 68 18.32 -6.01 -11.41
N THR B 69 17.02 -5.76 -11.26
CA THR B 69 16.52 -4.50 -10.74
C THR B 69 15.49 -4.80 -9.64
N ILE B 70 15.81 -4.45 -8.41
CA ILE B 70 14.88 -4.58 -7.31
C ILE B 70 14.10 -3.27 -7.18
N SER B 71 12.79 -3.38 -6.97
CA SER B 71 11.95 -2.20 -6.81
C SER B 71 10.83 -2.55 -5.84
N ARG B 72 10.14 -1.51 -5.38
CA ARG B 72 9.09 -1.68 -4.38
C ARG B 72 7.97 -0.69 -4.66
N ASP B 73 6.76 -1.09 -4.31
CA ASP B 73 5.59 -0.21 -4.33
C ASP B 73 5.07 -0.14 -2.90
N ASN B 74 5.50 0.88 -2.16
CA ASN B 74 5.08 1.02 -0.78
C ASN B 74 3.57 1.22 -0.67
N ALA B 75 2.96 1.85 -1.68
CA ALA B 75 1.51 2.01 -1.69
C ALA B 75 0.81 0.66 -1.81
N LYS B 76 1.42 -0.30 -2.49
CA LYS B 76 0.82 -1.61 -2.70
C LYS B 76 1.45 -2.71 -1.86
N ASN B 77 2.38 -2.36 -0.97
CA ASN B 77 3.02 -3.32 -0.06
C ASN B 77 3.68 -4.46 -0.81
N THR B 78 4.27 -4.16 -1.97
CA THR B 78 4.82 -5.17 -2.86
C THR B 78 6.28 -4.89 -3.16
N LEU B 79 7.08 -5.96 -3.22
CA LEU B 79 8.47 -5.90 -3.63
C LEU B 79 8.64 -6.67 -4.94
N TYR B 80 9.46 -6.14 -5.83
CA TYR B 80 9.65 -6.74 -7.15
C TYR B 80 11.13 -6.99 -7.39
N LEU B 81 11.41 -7.93 -8.30
CA LEU B 81 12.77 -8.19 -8.78
C LEU B 81 12.68 -8.46 -10.27
N GLN B 82 13.01 -7.45 -11.08
CA GLN B 82 13.06 -7.61 -12.53
C GLN B 82 14.43 -8.14 -12.91
N MET B 83 14.45 -9.23 -13.66
CA MET B 83 15.68 -9.87 -14.12
C MET B 83 15.74 -9.86 -15.63
N SER B 84 16.94 -9.67 -16.17
CA SER B 84 17.16 -9.64 -17.60
C SER B 84 18.50 -10.30 -17.90
N SER B 85 18.67 -10.67 -19.17
CA SER B 85 19.89 -11.33 -19.63
C SER B 85 20.21 -12.55 -18.78
N LEU B 86 19.18 -13.35 -18.51
CA LEU B 86 19.31 -14.47 -17.60
C LEU B 86 20.18 -15.57 -18.19
N LYS B 87 20.96 -16.22 -17.32
CA LYS B 87 21.83 -17.31 -17.69
C LYS B 87 21.45 -18.55 -16.88
N SER B 88 22.08 -19.68 -17.23
CA SER B 88 21.83 -20.92 -16.51
C SER B 88 22.19 -20.78 -15.03
N GLU B 89 23.22 -19.99 -14.72
CA GLU B 89 23.65 -19.81 -13.35
C GLU B 89 22.60 -19.11 -12.49
N ASP B 90 21.61 -18.48 -13.12
CA ASP B 90 20.53 -17.85 -12.37
C ASP B 90 19.41 -18.82 -11.99
N THR B 91 19.45 -20.05 -12.48
CA THR B 91 18.48 -21.05 -12.08
C THR B 91 18.60 -21.30 -10.58
N ALA B 92 17.52 -21.01 -9.85
CA ALA B 92 17.56 -21.10 -8.39
C ALA B 92 16.15 -20.99 -7.84
N MET B 93 16.03 -21.26 -6.54
CA MET B 93 14.86 -20.92 -5.76
C MET B 93 15.04 -19.51 -5.21
N TYR B 94 14.06 -18.63 -5.48
CA TYR B 94 14.19 -17.22 -5.13
C TYR B 94 13.29 -16.90 -3.94
N TYR B 95 13.90 -16.38 -2.88
CA TYR B 95 13.20 -15.97 -1.67
C TYR B 95 13.22 -14.45 -1.56
N CYS B 96 12.17 -13.91 -0.96
CA CYS B 96 12.11 -12.51 -0.56
C CYS B 96 12.10 -12.45 0.95
N ALA B 97 12.93 -11.58 1.51
CA ALA B 97 13.12 -11.51 2.95
C ALA B 97 13.13 -10.07 3.42
N ARG B 98 12.83 -9.88 4.70
CA ARG B 98 12.87 -8.57 5.32
C ARG B 98 14.24 -8.36 5.95
N GLU B 99 14.87 -7.22 5.66
CA GLU B 99 16.20 -6.91 6.16
C GLU B 99 16.11 -6.07 7.43
N ILE B 100 16.98 -6.37 8.39
CA ILE B 100 17.06 -5.66 9.66
C ILE B 100 18.50 -5.27 9.92
N MET B 101 18.71 -4.09 10.49
CA MET B 101 20.02 -3.66 10.95
C MET B 101 19.95 -3.47 12.46
N ARG B 102 20.95 -4.00 13.17
CA ARG B 102 21.03 -3.87 14.62
C ARG B 102 22.49 -3.85 15.02
N GLY B 103 22.88 -2.81 15.77
CA GLY B 103 24.24 -2.72 16.25
C GLY B 103 25.30 -2.49 15.20
N GLY B 104 24.90 -2.20 13.96
CA GLY B 104 25.84 -1.98 12.86
C GLY B 104 25.86 -3.08 11.83
N GLY B 105 25.20 -4.21 12.08
CA GLY B 105 25.19 -5.32 11.14
C GLY B 105 23.80 -5.69 10.67
N TYR B 106 23.73 -6.36 9.52
CA TYR B 106 22.47 -6.66 8.87
C TYR B 106 22.13 -8.14 8.98
N TYR B 107 20.83 -8.44 8.96
CA TYR B 107 20.34 -9.81 8.92
C TYR B 107 18.92 -9.80 8.36
N PHE B 108 18.43 -10.99 8.04
CA PHE B 108 17.10 -11.18 7.47
C PHE B 108 16.23 -11.90 8.50
N ASP B 109 15.26 -11.19 9.06
CA ASP B 109 14.50 -11.76 10.18
C ASP B 109 13.29 -12.57 9.73
N TYR B 110 12.71 -12.28 8.57
CA TYR B 110 11.56 -13.04 8.10
C TYR B 110 11.70 -13.29 6.60
N TRP B 111 11.36 -14.51 6.19
CA TRP B 111 11.53 -14.96 4.82
C TRP B 111 10.19 -15.41 4.23
N SER B 112 10.06 -15.25 2.92
CA SER B 112 8.99 -15.89 2.18
C SER B 112 9.39 -17.32 1.84
N GLN B 113 8.47 -18.07 1.24
CA GLN B 113 8.87 -19.35 0.69
C GLN B 113 9.57 -19.13 -0.66
N GLY B 114 10.06 -20.21 -1.24
CA GLY B 114 10.83 -20.12 -2.47
C GLY B 114 9.97 -20.21 -3.72
N THR B 115 10.37 -19.47 -4.75
CA THR B 115 9.78 -19.57 -6.08
C THR B 115 10.87 -19.97 -7.07
N THR B 116 10.50 -20.80 -8.04
CA THR B 116 11.48 -21.50 -8.87
C THR B 116 11.68 -20.75 -10.18
N LEU B 117 12.93 -20.39 -10.46
CA LEU B 117 13.34 -19.85 -11.75
C LEU B 117 14.17 -20.92 -12.47
N THR B 118 13.70 -21.33 -13.64
CA THR B 118 14.42 -22.27 -14.48
C THR B 118 14.85 -21.55 -15.76
N VAL B 119 16.16 -21.47 -15.99
CA VAL B 119 16.72 -20.89 -17.20
C VAL B 119 17.22 -22.04 -18.06
N SER B 120 16.52 -22.30 -19.16
CA SER B 120 16.85 -23.42 -20.04
C SER B 120 16.17 -23.19 -21.37
N SER B 121 16.81 -23.67 -22.43
CA SER B 121 16.21 -23.61 -23.76
C SER B 121 15.26 -24.77 -24.03
N ARG B 122 15.22 -25.77 -23.15
CA ARG B 122 14.34 -26.91 -23.33
C ARG B 122 12.88 -26.50 -23.18
N SER B 123 12.01 -27.13 -23.97
CA SER B 123 10.60 -26.78 -23.99
C SER B 123 9.83 -27.49 -22.89
N THR B 124 8.72 -26.87 -22.48
CA THR B 124 7.89 -27.44 -21.42
C THR B 124 7.21 -28.72 -21.91
N LYS B 125 7.24 -29.77 -21.08
CA LYS B 125 6.60 -31.03 -21.41
C LYS B 125 5.83 -31.54 -20.21
N GLY B 126 4.58 -31.93 -20.45
CA GLY B 126 3.73 -32.47 -19.41
C GLY B 126 4.04 -33.93 -19.13
N PRO B 127 3.86 -34.36 -17.89
CA PRO B 127 4.21 -35.74 -17.53
C PRO B 127 3.13 -36.72 -17.94
N SER B 128 3.55 -37.97 -18.09
CA SER B 128 2.66 -39.11 -18.13
C SER B 128 2.60 -39.73 -16.73
N VAL B 129 1.41 -40.14 -16.32
CA VAL B 129 1.19 -40.69 -14.98
C VAL B 129 0.79 -42.15 -15.14
N PHE B 130 1.61 -43.05 -14.60
CA PHE B 130 1.36 -44.48 -14.70
C PHE B 130 1.16 -45.08 -13.32
N PRO B 131 0.15 -45.94 -13.15
CA PRO B 131 -0.10 -46.52 -11.84
C PRO B 131 0.85 -47.67 -11.52
N LEU B 132 1.37 -47.67 -10.30
CA LEU B 132 2.19 -48.76 -9.78
C LEU B 132 1.27 -49.65 -8.95
N ALA B 133 0.75 -50.70 -9.57
CA ALA B 133 -0.32 -51.48 -8.96
C ALA B 133 0.21 -52.31 -7.80
N PRO B 134 -0.53 -52.39 -6.70
CA PRO B 134 -0.13 -53.31 -5.62
C PRO B 134 -0.34 -54.75 -6.06
N SER B 135 0.56 -55.61 -5.60
CA SER B 135 0.55 -57.02 -5.99
C SER B 135 1.22 -57.83 -4.91
N SER B 136 1.29 -59.15 -5.13
CA SER B 136 2.01 -60.02 -4.21
C SER B 136 3.48 -59.63 -4.11
N LYS B 137 4.02 -59.00 -5.15
CA LYS B 137 5.40 -58.55 -5.16
C LYS B 137 5.61 -57.22 -4.46
N SER B 138 4.53 -56.58 -4.00
CA SER B 138 4.63 -55.34 -3.23
C SER B 138 3.86 -55.43 -1.91
N THR B 139 3.46 -56.63 -1.49
CA THR B 139 2.68 -56.84 -0.29
C THR B 139 3.40 -57.80 0.63
N SER B 140 3.61 -57.40 1.88
CA SER B 140 4.22 -58.26 2.88
C SER B 140 3.83 -57.79 4.27
N GLY B 141 3.48 -58.73 5.13
CA GLY B 141 3.21 -58.45 6.54
C GLY B 141 2.06 -57.52 6.82
N GLY B 142 0.95 -57.66 6.08
CA GLY B 142 -0.20 -56.82 6.29
C GLY B 142 -0.12 -55.44 5.66
N THR B 143 1.01 -55.10 5.04
CA THR B 143 1.19 -53.81 4.40
C THR B 143 1.35 -54.00 2.90
N ALA B 144 0.67 -53.15 2.13
CA ALA B 144 0.76 -53.14 0.68
C ALA B 144 1.34 -51.81 0.23
N ALA B 145 2.26 -51.86 -0.73
CA ALA B 145 2.83 -50.66 -1.33
C ALA B 145 2.24 -50.47 -2.72
N LEU B 146 1.80 -49.24 -3.01
CA LEU B 146 1.29 -48.87 -4.31
C LEU B 146 1.74 -47.45 -4.59
N GLY B 147 1.64 -47.04 -5.85
CA GLY B 147 2.09 -45.69 -6.15
C GLY B 147 1.81 -45.28 -7.58
N CYS B 148 2.43 -44.16 -7.95
CA CYS B 148 2.26 -43.54 -9.25
C CYS B 148 3.62 -43.11 -9.79
N LEU B 149 3.83 -43.35 -11.09
CA LEU B 149 5.06 -42.99 -11.76
C LEU B 149 4.80 -41.74 -12.61
N VAL B 150 5.45 -40.64 -12.26
CA VAL B 150 5.29 -39.37 -12.95
C VAL B 150 6.51 -39.20 -13.86
N LYS B 151 6.34 -39.48 -15.14
CA LYS B 151 7.45 -39.72 -16.06
C LYS B 151 7.53 -38.67 -17.16
N ASP B 152 8.76 -38.26 -17.46
CA ASP B 152 9.10 -37.50 -18.67
C ASP B 152 8.37 -36.15 -18.71
N TYR B 153 8.80 -35.26 -17.82
CA TYR B 153 8.26 -33.91 -17.77
C TYR B 153 9.38 -32.90 -17.62
N PHE B 154 9.04 -31.64 -17.89
CA PHE B 154 9.95 -30.50 -17.77
C PHE B 154 9.16 -29.21 -17.88
N PRO B 155 9.46 -28.19 -17.07
CA PRO B 155 10.50 -28.24 -16.02
C PRO B 155 9.94 -28.65 -14.67
N GLU B 156 10.70 -28.40 -13.62
CA GLU B 156 10.23 -28.61 -12.27
C GLU B 156 9.33 -27.45 -11.84
N PRO B 157 8.42 -27.69 -10.88
CA PRO B 157 8.19 -28.96 -10.20
C PRO B 157 6.85 -29.61 -10.55
N VAL B 158 6.62 -30.80 -10.01
CA VAL B 158 5.30 -31.39 -9.97
C VAL B 158 4.92 -31.59 -8.50
N THR B 159 3.63 -31.52 -8.22
CA THR B 159 3.10 -31.83 -6.90
C THR B 159 2.26 -33.09 -7.01
N VAL B 160 2.32 -33.91 -5.96
CA VAL B 160 1.58 -35.17 -5.90
C VAL B 160 0.87 -35.24 -4.55
N SER B 161 -0.42 -35.55 -4.60
CA SER B 161 -1.20 -35.87 -3.40
C SER B 161 -1.93 -37.17 -3.63
N TRP B 162 -2.48 -37.72 -2.56
CA TRP B 162 -3.19 -38.99 -2.61
C TRP B 162 -4.60 -38.81 -2.06
N ASN B 163 -5.58 -39.28 -2.82
CA ASN B 163 -7.00 -39.17 -2.48
C ASN B 163 -7.36 -37.74 -2.10
N SER B 164 -6.88 -36.80 -2.91
CA SER B 164 -7.18 -35.37 -2.76
C SER B 164 -6.78 -34.84 -1.39
N GLY B 165 -5.72 -35.40 -0.81
CA GLY B 165 -5.25 -34.97 0.49
C GLY B 165 -5.83 -35.74 1.67
N ALA B 166 -6.67 -36.74 1.42
CA ALA B 166 -7.20 -37.55 2.50
C ALA B 166 -6.24 -38.64 2.95
N LEU B 167 -5.22 -38.95 2.14
CA LEU B 167 -4.19 -39.93 2.47
C LEU B 167 -2.86 -39.20 2.52
N THR B 168 -2.41 -38.85 3.73
CA THR B 168 -1.14 -38.17 3.92
C THR B 168 -0.13 -38.99 4.72
N SER B 169 -0.56 -40.06 5.38
CA SER B 169 0.34 -40.89 6.17
C SER B 169 0.91 -42.01 5.30
N GLY B 170 2.18 -42.33 5.54
CA GLY B 170 2.83 -43.41 4.80
C GLY B 170 3.07 -43.10 3.34
N VAL B 171 3.19 -41.82 2.98
CA VAL B 171 3.43 -41.40 1.61
C VAL B 171 4.92 -41.14 1.43
N HIS B 172 5.48 -41.62 0.32
CA HIS B 172 6.89 -41.43 -0.02
C HIS B 172 6.96 -40.89 -1.44
N THR B 173 6.95 -39.56 -1.57
CA THR B 173 7.11 -38.89 -2.86
C THR B 173 8.57 -38.55 -3.03
N PHE B 174 9.22 -39.20 -3.99
CA PHE B 174 10.65 -39.10 -4.12
C PHE B 174 11.05 -37.84 -4.90
N PRO B 175 12.25 -37.31 -4.62
CA PRO B 175 12.77 -36.23 -5.47
C PRO B 175 12.89 -36.68 -6.92
N ALA B 176 12.58 -35.76 -7.82
CA ALA B 176 12.71 -36.06 -9.24
C ALA B 176 14.17 -36.31 -9.61
N VAL B 177 14.37 -37.12 -10.64
CA VAL B 177 15.70 -37.41 -11.16
C VAL B 177 15.74 -36.97 -12.61
N LEU B 178 16.77 -36.19 -12.95
CA LEU B 178 16.99 -35.77 -14.34
C LEU B 178 17.48 -36.97 -15.14
N GLN B 179 16.66 -37.45 -16.07
CA GLN B 179 17.09 -38.54 -16.94
C GLN B 179 18.01 -38.02 -18.02
N SER B 180 18.68 -38.95 -18.71
CA SER B 180 19.61 -38.57 -19.77
C SER B 180 18.92 -37.86 -20.92
N SER B 181 17.60 -37.97 -21.02
CA SER B 181 16.82 -37.29 -22.05
C SER B 181 16.60 -35.82 -21.74
N GLY B 182 17.07 -35.33 -20.60
CA GLY B 182 16.80 -33.97 -20.18
C GLY B 182 15.47 -33.80 -19.48
N LEU B 183 14.64 -34.84 -19.41
CA LEU B 183 13.35 -34.77 -18.77
C LEU B 183 13.41 -35.37 -17.37
N TYR B 184 12.56 -34.87 -16.48
CA TYR B 184 12.51 -35.35 -15.11
C TYR B 184 11.56 -36.52 -14.99
N SER B 185 11.70 -37.25 -13.88
CA SER B 185 10.85 -38.39 -13.58
C SER B 185 10.91 -38.67 -12.09
N LEU B 186 9.76 -39.00 -11.51
CA LEU B 186 9.72 -39.36 -10.10
C LEU B 186 8.59 -40.36 -9.88
N SER B 187 8.59 -40.96 -8.69
CA SER B 187 7.52 -41.84 -8.25
C SER B 187 7.06 -41.40 -6.88
N SER B 188 5.78 -41.61 -6.61
CA SER B 188 5.19 -41.45 -5.29
C SER B 188 4.65 -42.81 -4.87
N VAL B 189 5.12 -43.33 -3.75
CA VAL B 189 4.74 -44.65 -3.27
C VAL B 189 4.16 -44.52 -1.87
N VAL B 190 2.97 -45.10 -1.66
CA VAL B 190 2.29 -45.05 -0.38
C VAL B 190 2.11 -46.47 0.14
N THR B 191 2.23 -46.63 1.46
CA THR B 191 2.05 -47.92 2.12
C THR B 191 0.71 -47.89 2.85
N VAL B 192 -0.15 -48.86 2.54
CA VAL B 192 -1.49 -48.95 3.12
C VAL B 192 -1.67 -50.35 3.69
N PRO B 193 -2.71 -50.60 4.50
CA PRO B 193 -2.96 -51.97 4.95
C PRO B 193 -3.46 -52.83 3.79
N SER B 194 -3.02 -54.10 3.79
CA SER B 194 -3.42 -55.02 2.73
C SER B 194 -4.92 -55.28 2.75
N SER B 195 -5.55 -55.20 3.92
CA SER B 195 -6.99 -55.45 4.03
C SER B 195 -7.79 -54.43 3.24
N SER B 196 -7.27 -53.22 3.07
CA SER B 196 -7.99 -52.13 2.43
C SER B 196 -7.98 -52.19 0.91
N LEU B 197 -7.19 -53.10 0.32
CA LEU B 197 -7.01 -53.08 -1.13
C LEU B 197 -8.31 -53.37 -1.87
N GLY B 198 -9.21 -54.15 -1.27
CA GLY B 198 -10.45 -54.49 -1.93
C GLY B 198 -11.61 -53.57 -1.66
N THR B 199 -11.48 -52.67 -0.69
CA THR B 199 -12.59 -51.82 -0.29
C THR B 199 -12.26 -50.32 -0.29
N GLN B 200 -10.99 -49.94 -0.43
CA GLN B 200 -10.59 -48.54 -0.45
C GLN B 200 -10.02 -48.21 -1.81
N THR B 201 -10.57 -47.18 -2.46
CA THR B 201 -10.04 -46.71 -3.73
C THR B 201 -8.89 -45.75 -3.47
N TYR B 202 -7.78 -45.94 -4.19
CA TYR B 202 -6.60 -45.11 -4.05
C TYR B 202 -6.36 -44.36 -5.34
N ILE B 203 -6.28 -43.03 -5.25
CA ILE B 203 -6.09 -42.16 -6.40
C ILE B 203 -4.94 -41.22 -6.08
N CYS B 204 -3.99 -41.10 -7.01
CA CYS B 204 -2.95 -40.09 -6.92
C CYS B 204 -3.30 -38.92 -7.82
N ASN B 205 -3.11 -37.71 -7.29
CA ASN B 205 -3.37 -36.48 -8.02
C ASN B 205 -2.04 -35.82 -8.35
N VAL B 206 -1.83 -35.53 -9.62
CA VAL B 206 -0.57 -34.98 -10.10
C VAL B 206 -0.84 -33.63 -10.74
N ASN B 207 -0.05 -32.62 -10.37
CA ASN B 207 -0.13 -31.29 -10.93
C ASN B 207 1.22 -30.88 -11.49
N HIS B 208 1.22 -30.47 -12.76
CA HIS B 208 2.40 -29.88 -13.39
C HIS B 208 1.95 -28.53 -13.96
N LYS B 209 2.01 -27.50 -13.12
CA LYS B 209 1.54 -26.18 -13.52
C LYS B 209 2.22 -25.63 -14.78
N PRO B 210 3.52 -25.84 -15.03
CA PRO B 210 4.10 -25.33 -16.29
C PRO B 210 3.35 -25.76 -17.54
N SER B 211 2.86 -27.00 -17.58
CA SER B 211 2.11 -27.51 -18.72
C SER B 211 0.60 -27.52 -18.49
N ASN B 212 0.14 -27.02 -17.34
CA ASN B 212 -1.28 -27.05 -16.97
C ASN B 212 -1.83 -28.47 -17.02
N THR B 213 -1.07 -29.40 -16.44
CA THR B 213 -1.43 -30.82 -16.42
C THR B 213 -1.98 -31.18 -15.06
N LYS B 214 -3.25 -31.58 -15.03
CA LYS B 214 -3.92 -32.09 -13.83
C LYS B 214 -4.38 -33.51 -14.14
N VAL B 215 -3.87 -34.48 -13.38
CA VAL B 215 -4.16 -35.89 -13.62
C VAL B 215 -4.53 -36.56 -12.31
N ASP B 216 -5.65 -37.28 -12.31
CA ASP B 216 -6.08 -38.12 -11.19
C ASP B 216 -6.02 -39.57 -11.67
N LYS B 217 -5.00 -40.29 -11.26
CA LYS B 217 -4.82 -41.68 -11.67
C LYS B 217 -5.28 -42.61 -10.55
N LYS B 218 -6.21 -43.51 -10.89
CA LYS B 218 -6.72 -44.48 -9.95
C LYS B 218 -5.86 -45.74 -9.98
N VAL B 219 -5.36 -46.15 -8.82
CA VAL B 219 -4.42 -47.25 -8.71
C VAL B 219 -5.17 -48.47 -8.21
N GLU B 220 -5.40 -49.43 -9.11
CA GLU B 220 -6.15 -50.66 -8.89
C GLU B 220 -5.20 -51.82 -8.56
N PRO B 221 -5.61 -52.72 -7.68
CA PRO B 221 -4.75 -53.87 -7.35
C PRO B 221 -4.65 -54.85 -8.51
N LYS B 222 -3.49 -55.50 -8.60
CA LYS B 222 -3.28 -56.55 -9.58
C LYS B 222 -3.85 -57.86 -9.04
N SER B 223 -4.76 -58.47 -9.78
CA SER B 223 -5.42 -59.70 -9.38
C SER B 223 -4.94 -60.87 -10.23
N CYS B 224 -4.90 -62.04 -9.62
CA CYS B 224 -4.42 -63.25 -10.30
C CYS B 224 -5.51 -64.30 -10.36
N ILE C 1 -24.21 15.77 10.15
CA ILE C 1 -23.03 15.57 9.31
C ILE C 1 -23.46 14.76 8.09
N VAL C 2 -24.33 13.79 8.31
CA VAL C 2 -25.09 13.13 7.26
C VAL C 2 -26.56 13.37 7.59
N MET C 3 -27.24 14.14 6.74
CA MET C 3 -28.59 14.61 7.03
C MET C 3 -29.58 13.65 6.39
N THR C 4 -30.47 13.09 7.19
CA THR C 4 -31.54 12.22 6.71
C THR C 4 -32.88 12.86 7.06
N GLN C 5 -33.69 13.09 6.03
CA GLN C 5 -35.01 13.70 6.20
C GLN C 5 -36.10 12.66 6.02
N SER C 6 -37.19 12.81 6.78
CA SER C 6 -38.33 11.92 6.71
C SER C 6 -39.61 12.74 6.76
N PRO C 7 -40.60 12.42 5.92
CA PRO C 7 -40.49 11.38 4.89
C PRO C 7 -40.02 11.94 3.56
N ALA C 8 -39.87 11.08 2.54
CA ALA C 8 -39.53 11.56 1.22
C ALA C 8 -40.67 12.38 0.63
N ILE C 9 -41.90 11.89 0.74
CA ILE C 9 -43.10 12.58 0.30
C ILE C 9 -44.02 12.75 1.50
N LEU C 10 -44.53 13.96 1.69
CA LEU C 10 -45.46 14.26 2.78
C LEU C 10 -46.73 14.84 2.18
N SER C 11 -47.84 14.15 2.37
CA SER C 11 -49.14 14.56 1.84
C SER C 11 -49.99 15.12 2.97
N ALA C 12 -50.59 16.28 2.72
CA ALA C 12 -51.38 16.96 3.75
C ALA C 12 -52.56 17.68 3.11
N SER C 13 -53.73 17.49 3.68
CA SER C 13 -54.90 18.25 3.25
C SER C 13 -54.82 19.66 3.79
N LEU C 14 -55.63 20.55 3.21
CA LEU C 14 -55.66 21.94 3.67
C LEU C 14 -56.13 22.01 5.12
N GLY C 15 -55.44 22.84 5.91
CA GLY C 15 -55.71 22.95 7.33
C GLY C 15 -55.09 21.89 8.19
N GLU C 16 -54.54 20.83 7.60
CA GLU C 16 -53.93 19.75 8.37
C GLU C 16 -52.61 20.21 8.99
N ARG C 17 -52.26 19.60 10.11
CA ARG C 17 -50.98 19.86 10.77
C ARG C 17 -49.91 18.98 10.15
N VAL C 18 -48.75 19.58 9.85
CA VAL C 18 -47.69 18.93 9.11
C VAL C 18 -46.41 18.97 9.95
N THR C 19 -45.70 17.85 9.98
CA THR C 19 -44.41 17.78 10.66
C THR C 19 -43.48 16.86 9.88
N MET C 20 -42.35 17.41 9.44
CA MET C 20 -41.29 16.66 8.80
C MET C 20 -40.05 16.70 9.71
N THR C 21 -39.26 15.65 9.65
CA THR C 21 -38.11 15.51 10.54
C THR C 21 -36.82 15.46 9.73
N CYS C 22 -35.71 15.75 10.41
CA CYS C 22 -34.39 15.74 9.79
C CYS C 22 -33.39 15.34 10.86
N THR C 23 -32.73 14.21 10.65
CA THR C 23 -31.79 13.66 11.63
C THR C 23 -30.37 13.70 11.08
N ALA C 24 -29.42 13.91 11.98
CA ALA C 24 -28.01 13.99 11.64
C ALA C 24 -27.27 12.77 12.18
N SER C 25 -26.23 12.35 11.45
CA SER C 25 -25.42 11.23 11.89
C SER C 25 -24.62 11.55 13.14
N SER C 26 -24.41 12.84 13.43
CA SER C 26 -23.70 13.27 14.63
C SER C 26 -24.39 14.48 15.20
N SER C 27 -24.10 14.77 16.46
CA SER C 27 -24.70 15.93 17.12
C SER C 27 -24.27 17.22 16.43
N VAL C 28 -25.26 18.04 16.09
CA VAL C 28 -25.02 19.37 15.55
C VAL C 28 -25.66 20.38 16.49
N SER C 29 -25.15 21.60 16.44
CA SER C 29 -25.67 22.66 17.29
C SER C 29 -26.89 23.29 16.64
N SER C 30 -27.86 23.69 17.49
CA SER C 30 -29.09 24.28 16.98
C SER C 30 -28.81 25.55 16.19
N SER C 31 -27.73 26.27 16.52
CA SER C 31 -27.45 27.54 15.86
C SER C 31 -27.10 27.34 14.39
N TYR C 32 -26.61 26.17 14.01
CA TYR C 32 -26.10 25.91 12.67
C TYR C 32 -26.94 24.89 11.92
N LEU C 33 -28.23 24.81 12.23
CA LEU C 33 -29.19 23.97 11.52
C LEU C 33 -30.26 24.87 10.91
N HIS C 34 -30.39 24.81 9.58
CA HIS C 34 -31.30 25.68 8.86
C HIS C 34 -32.16 24.86 7.91
N TRP C 35 -33.25 25.48 7.46
CA TRP C 35 -34.18 24.88 6.53
C TRP C 35 -34.35 25.79 5.31
N TYR C 36 -34.53 25.17 4.15
CA TYR C 36 -34.74 25.89 2.91
C TYR C 36 -35.96 25.35 2.20
N GLN C 37 -36.66 26.24 1.49
CA GLN C 37 -37.82 25.89 0.71
C GLN C 37 -37.52 26.13 -0.77
N GLN C 38 -37.88 25.17 -1.62
CA GLN C 38 -37.66 25.28 -3.04
C GLN C 38 -38.89 24.80 -3.79
N LYS C 39 -39.39 25.64 -4.70
CA LYS C 39 -40.43 25.29 -5.63
C LYS C 39 -39.85 25.13 -7.03
N PRO C 40 -40.47 24.32 -7.89
CA PRO C 40 -39.93 24.12 -9.24
C PRO C 40 -39.77 25.44 -9.98
N GLY C 41 -38.64 25.56 -10.68
CA GLY C 41 -38.34 26.76 -11.45
C GLY C 41 -37.85 27.94 -10.64
N SER C 42 -37.56 27.75 -9.35
CA SER C 42 -37.12 28.83 -8.49
C SER C 42 -35.93 28.37 -7.66
N SER C 43 -35.20 29.34 -7.12
CA SER C 43 -34.07 29.06 -6.26
C SER C 43 -34.55 28.71 -4.86
N PRO C 44 -33.77 27.96 -4.10
CA PRO C 44 -34.10 27.75 -2.69
C PRO C 44 -34.10 29.07 -1.95
N LYS C 45 -34.96 29.16 -0.93
CA LYS C 45 -35.02 30.32 -0.08
C LYS C 45 -34.84 29.88 1.38
N LEU C 46 -34.03 30.64 2.12
CA LEU C 46 -33.94 30.44 3.56
C LEU C 46 -35.33 30.52 4.17
N TRP C 47 -35.70 29.48 4.92
CA TRP C 47 -37.03 29.40 5.50
C TRP C 47 -36.98 29.46 7.02
N ILE C 48 -36.29 28.53 7.66
CA ILE C 48 -36.06 28.55 9.10
C ILE C 48 -34.56 28.42 9.32
N TYR C 49 -33.99 29.37 10.05
CA TYR C 49 -32.56 29.38 10.35
C TYR C 49 -32.35 29.21 11.85
N SER C 50 -31.25 28.54 12.19
CA SER C 50 -30.91 28.22 13.58
C SER C 50 -32.06 27.51 14.28
N THR C 51 -32.56 26.46 13.62
CA THR C 51 -33.51 25.50 14.17
C THR C 51 -34.93 26.06 14.33
N SER C 52 -35.07 27.29 14.84
CA SER C 52 -36.39 27.75 15.24
C SER C 52 -36.72 29.19 14.84
N ASN C 53 -35.88 29.86 14.06
CA ASN C 53 -36.11 31.25 13.70
C ASN C 53 -36.59 31.35 12.25
N LEU C 54 -37.72 32.03 12.05
CA LEU C 54 -38.29 32.19 10.72
C LEU C 54 -37.54 33.26 9.94
N ALA C 55 -37.30 32.98 8.66
CA ALA C 55 -36.69 33.97 7.79
C ALA C 55 -37.72 35.05 7.43
N SER C 56 -37.29 36.03 6.65
CA SER C 56 -38.14 37.15 6.31
C SER C 56 -39.27 36.71 5.39
N GLY C 57 -40.50 37.09 5.74
CA GLY C 57 -41.67 36.77 4.95
C GLY C 57 -42.28 35.41 5.19
N VAL C 58 -41.67 34.58 6.04
CA VAL C 58 -42.18 33.24 6.29
C VAL C 58 -43.39 33.34 7.22
N PRO C 59 -44.52 32.71 6.88
CA PRO C 59 -45.73 32.85 7.70
C PRO C 59 -45.54 32.27 9.09
N ALA C 60 -46.32 32.80 10.05
CA ALA C 60 -46.17 32.40 11.45
C ALA C 60 -46.60 30.96 11.71
N ARG C 61 -47.36 30.34 10.80
CA ARG C 61 -47.74 28.94 10.95
C ARG C 61 -46.55 27.98 10.85
N PHE C 62 -45.39 28.46 10.40
CA PHE C 62 -44.20 27.64 10.35
C PHE C 62 -43.48 27.73 11.69
N SER C 63 -42.82 26.63 12.05
CA SER C 63 -42.03 26.58 13.27
C SER C 63 -41.03 25.43 13.13
N GLY C 64 -40.02 25.47 13.97
CA GLY C 64 -39.00 24.43 13.97
C GLY C 64 -38.49 24.20 15.37
N SER C 65 -38.12 22.96 15.66
CA SER C 65 -37.61 22.59 16.97
C SER C 65 -36.58 21.50 16.80
N GLY C 66 -35.83 21.25 17.87
CA GLY C 66 -34.89 20.15 17.87
C GLY C 66 -33.59 20.44 18.59
N SER C 67 -32.81 19.39 18.83
CA SER C 67 -31.49 19.50 19.44
C SER C 67 -30.74 18.20 19.17
N GLY C 68 -29.42 18.25 19.39
CA GLY C 68 -28.58 17.09 19.16
C GLY C 68 -28.64 16.56 17.74
N THR C 69 -29.26 15.41 17.56
CA THR C 69 -29.36 14.79 16.24
C THR C 69 -30.76 14.84 15.65
N SER C 70 -31.75 15.34 16.39
CA SER C 70 -33.15 15.26 16.00
C SER C 70 -33.71 16.67 15.84
N TYR C 71 -34.16 16.99 14.63
CA TYR C 71 -34.73 18.30 14.32
C TYR C 71 -35.98 18.10 13.47
N SER C 72 -36.87 19.08 13.50
CA SER C 72 -38.15 18.96 12.81
C SER C 72 -38.63 20.32 12.34
N LEU C 73 -39.46 20.30 11.31
CA LEU C 73 -40.14 21.48 10.79
C LEU C 73 -41.64 21.22 10.81
N THR C 74 -42.42 22.18 11.30
CA THR C 74 -43.84 21.98 11.51
C THR C 74 -44.63 23.11 10.88
N ILE C 75 -45.72 22.75 10.20
CA ILE C 75 -46.72 23.70 9.74
C ILE C 75 -48.01 23.43 10.51
N SER C 76 -48.54 24.48 11.15
CA SER C 76 -49.73 24.31 11.97
C SER C 76 -51.01 24.21 11.15
N SER C 77 -51.01 24.71 9.92
CA SER C 77 -52.21 24.68 9.08
C SER C 77 -51.77 24.68 7.62
N MET C 78 -51.85 23.51 6.98
CA MET C 78 -51.43 23.36 5.59
C MET C 78 -52.13 24.37 4.69
N GLU C 79 -51.34 24.99 3.81
CA GLU C 79 -51.86 25.86 2.77
C GLU C 79 -51.28 25.44 1.43
N ALA C 80 -52.01 25.74 0.35
CA ALA C 80 -51.56 25.37 -0.98
C ALA C 80 -50.19 25.98 -1.30
N GLU C 81 -49.97 27.23 -0.88
CA GLU C 81 -48.70 27.90 -1.12
C GLU C 81 -47.54 27.23 -0.40
N ASP C 82 -47.80 26.30 0.52
CA ASP C 82 -46.75 25.61 1.24
C ASP C 82 -46.18 24.42 0.50
N ALA C 83 -46.89 23.91 -0.50
CA ALA C 83 -46.42 22.76 -1.26
C ALA C 83 -45.11 23.08 -1.95
N ALA C 84 -44.06 22.37 -1.56
CA ALA C 84 -42.70 22.56 -2.08
C ALA C 84 -41.84 21.43 -1.54
N THR C 85 -40.54 21.52 -1.79
CA THR C 85 -39.56 20.63 -1.20
C THR C 85 -38.78 21.40 -0.13
N TYR C 86 -38.55 20.75 1.01
CA TYR C 86 -37.86 21.37 2.12
C TYR C 86 -36.57 20.63 2.41
N TYR C 87 -35.46 21.35 2.40
CA TYR C 87 -34.14 20.80 2.66
C TYR C 87 -33.63 21.32 3.99
N CYS C 88 -33.20 20.42 4.86
CA CYS C 88 -32.47 20.82 6.06
C CYS C 88 -30.98 20.85 5.77
N HIS C 89 -30.27 21.69 6.51
CA HIS C 89 -28.89 22.02 6.19
C HIS C 89 -28.11 22.24 7.48
N GLN C 90 -27.01 21.53 7.63
CA GLN C 90 -26.12 21.71 8.76
C GLN C 90 -24.82 22.37 8.29
N TYR C 91 -24.36 23.34 9.08
CA TYR C 91 -23.04 23.91 8.91
C TYR C 91 -22.28 23.84 10.23
N HIS C 92 -22.63 22.86 11.05
CA HIS C 92 -21.93 22.65 12.32
C HIS C 92 -20.48 22.28 12.08
N ARG C 93 -20.21 21.47 11.05
CA ARG C 93 -18.86 21.10 10.66
C ARG C 93 -18.72 21.26 9.14
N SER C 94 -17.48 21.46 8.73
CA SER C 94 -17.28 21.50 7.29
C SER C 94 -16.88 20.12 6.76
N PRO C 95 -17.31 19.75 5.54
CA PRO C 95 -18.16 20.54 4.64
C PRO C 95 -19.62 20.53 5.06
N PRO C 96 -20.37 21.57 4.69
CA PRO C 96 -21.81 21.58 4.99
C PRO C 96 -22.53 20.53 4.17
N THR C 97 -23.59 19.96 4.75
CA THR C 97 -24.35 18.92 4.11
C THR C 97 -25.84 19.25 4.14
N PHE C 98 -26.54 18.82 3.11
CA PHE C 98 -27.98 18.98 2.98
C PHE C 98 -28.67 17.64 3.16
N GLY C 99 -29.95 17.70 3.49
CA GLY C 99 -30.78 16.51 3.46
C GLY C 99 -31.22 16.18 2.05
N ALA C 100 -31.81 15.00 1.90
CA ALA C 100 -32.33 14.60 0.60
C ALA C 100 -33.55 15.39 0.20
N GLY C 101 -34.22 16.01 1.15
CA GLY C 101 -35.40 16.82 0.86
C GLY C 101 -36.68 16.09 1.16
N THR C 102 -37.69 16.85 1.59
CA THR C 102 -39.04 16.34 1.82
C THR C 102 -39.98 17.09 0.89
N LYS C 103 -40.60 16.37 -0.03
CA LYS C 103 -41.56 16.96 -0.96
C LYS C 103 -42.94 16.99 -0.29
N LEU C 104 -43.40 18.19 0.04
CA LEU C 104 -44.71 18.36 0.66
C LEU C 104 -45.75 18.61 -0.43
N GLU C 105 -46.73 17.73 -0.52
CA GLU C 105 -47.80 17.83 -1.51
C GLU C 105 -49.14 17.95 -0.80
N ILE C 106 -50.16 18.30 -1.59
CA ILE C 106 -51.51 18.45 -1.09
C ILE C 106 -52.23 17.11 -1.18
N LYS C 107 -52.84 16.67 -0.08
CA LYS C 107 -53.63 15.45 -0.08
C LYS C 107 -55.06 15.75 -0.52
N ARG C 108 -55.63 14.83 -1.28
CA ARG C 108 -56.91 15.01 -1.95
C ARG C 108 -57.67 13.70 -1.86
N THR C 109 -58.99 13.77 -2.04
CA THR C 109 -59.77 12.56 -2.18
C THR C 109 -59.28 11.76 -3.39
N VAL C 110 -59.30 10.43 -3.26
CA VAL C 110 -58.75 9.59 -4.31
C VAL C 110 -59.52 9.80 -5.61
N ALA C 111 -58.78 10.02 -6.69
CA ALA C 111 -59.36 10.28 -8.00
C ALA C 111 -58.75 9.31 -9.00
N ALA C 112 -59.60 8.51 -9.64
CA ALA C 112 -59.13 7.53 -10.60
C ALA C 112 -58.69 8.21 -11.89
N PRO C 113 -57.73 7.62 -12.60
CA PRO C 113 -57.24 8.23 -13.84
C PRO C 113 -58.15 7.94 -15.02
N SER C 114 -57.97 8.74 -16.07
CA SER C 114 -58.63 8.54 -17.35
C SER C 114 -57.58 8.09 -18.35
N VAL C 115 -57.81 6.93 -18.98
CA VAL C 115 -56.81 6.29 -19.83
C VAL C 115 -57.16 6.50 -21.29
N PHE C 116 -56.15 6.80 -22.09
CA PHE C 116 -56.30 6.95 -23.54
C PHE C 116 -55.05 6.41 -24.22
N ILE C 117 -55.24 5.83 -25.41
CA ILE C 117 -54.14 5.35 -26.23
C ILE C 117 -54.09 6.18 -27.50
N PHE C 118 -52.89 6.32 -28.05
CA PHE C 118 -52.67 7.05 -29.30
C PHE C 118 -51.78 6.22 -30.20
N PRO C 119 -52.30 5.65 -31.29
CA PRO C 119 -51.47 4.87 -32.19
C PRO C 119 -50.44 5.75 -32.88
N PRO C 120 -49.36 5.18 -33.40
CA PRO C 120 -48.35 5.99 -34.10
C PRO C 120 -48.96 6.69 -35.32
N SER C 121 -48.55 7.93 -35.52
CA SER C 121 -49.04 8.70 -36.65
C SER C 121 -48.52 8.12 -37.97
N ASP C 122 -49.36 8.15 -38.99
CA ASP C 122 -48.89 7.78 -40.33
C ASP C 122 -47.84 8.78 -40.82
N GLU C 123 -47.91 10.02 -40.35
CA GLU C 123 -46.83 10.98 -40.60
C GLU C 123 -45.54 10.51 -39.94
N GLN C 124 -45.64 9.92 -38.74
CA GLN C 124 -44.45 9.43 -38.05
C GLN C 124 -43.93 8.15 -38.69
N LEU C 125 -44.84 7.23 -39.04
CA LEU C 125 -44.43 5.97 -39.66
C LEU C 125 -43.81 6.17 -41.03
N LYS C 126 -43.88 7.38 -41.60
CA LYS C 126 -43.15 7.66 -42.83
C LYS C 126 -41.64 7.66 -42.58
N SER C 127 -41.22 7.96 -41.36
CA SER C 127 -39.81 7.95 -40.99
C SER C 127 -39.37 6.62 -40.38
N GLY C 128 -40.22 5.60 -40.42
CA GLY C 128 -39.86 4.31 -39.88
C GLY C 128 -39.83 4.22 -38.38
N THR C 129 -40.36 5.21 -37.67
CA THR C 129 -40.37 5.23 -36.22
C THR C 129 -41.80 5.07 -35.71
N ALA C 130 -41.96 4.24 -34.68
CA ALA C 130 -43.27 3.96 -34.10
C ALA C 130 -43.21 4.27 -32.61
N SER C 131 -44.01 5.26 -32.18
CA SER C 131 -44.13 5.62 -30.78
C SER C 131 -45.60 5.57 -30.39
N VAL C 132 -45.92 4.77 -29.38
CA VAL C 132 -47.28 4.62 -28.88
C VAL C 132 -47.37 5.35 -27.54
N VAL C 133 -48.42 6.15 -27.38
CA VAL C 133 -48.56 7.04 -26.22
C VAL C 133 -49.77 6.61 -25.42
N CYS C 134 -49.58 6.44 -24.11
CA CYS C 134 -50.66 6.18 -23.17
C CYS C 134 -50.75 7.37 -22.22
N LEU C 135 -51.97 7.78 -21.91
CA LEU C 135 -52.22 8.99 -21.14
C LEU C 135 -53.07 8.69 -19.92
N LEU C 136 -52.61 9.16 -18.76
CA LEU C 136 -53.37 9.11 -17.51
C LEU C 136 -53.66 10.54 -17.09
N ASN C 137 -54.95 10.87 -16.95
CA ASN C 137 -55.37 12.26 -16.76
C ASN C 137 -56.08 12.44 -15.42
N ASN C 138 -55.65 13.45 -14.66
CA ASN C 138 -56.33 13.93 -13.45
C ASN C 138 -56.59 12.78 -12.48
N PHE C 139 -55.50 12.33 -11.84
CA PHE C 139 -55.59 11.27 -10.86
C PHE C 139 -54.80 11.64 -9.61
N TYR C 140 -55.25 11.09 -8.47
CA TYR C 140 -54.59 11.22 -7.19
C TYR C 140 -54.92 9.95 -6.41
N PRO C 141 -53.94 9.37 -5.69
CA PRO C 141 -52.55 9.78 -5.49
C PRO C 141 -51.67 9.64 -6.73
N ARG C 142 -50.42 10.12 -6.64
CA ARG C 142 -49.52 10.09 -7.78
C ARG C 142 -49.08 8.67 -8.13
N GLU C 143 -48.98 7.80 -7.13
CA GLU C 143 -48.44 6.45 -7.35
C GLU C 143 -49.34 5.67 -8.31
N ALA C 144 -48.78 5.30 -9.46
CA ALA C 144 -49.49 4.52 -10.46
C ALA C 144 -48.58 3.42 -10.98
N LYS C 145 -49.13 2.57 -11.83
CA LYS C 145 -48.38 1.48 -12.47
C LYS C 145 -48.87 1.34 -13.90
N VAL C 146 -47.96 1.49 -14.86
CA VAL C 146 -48.29 1.46 -16.28
C VAL C 146 -47.34 0.48 -16.96
N GLN C 147 -47.90 -0.60 -17.49
CA GLN C 147 -47.15 -1.57 -18.28
C GLN C 147 -47.85 -1.77 -19.62
N TRP C 148 -47.06 -2.14 -20.62
CA TRP C 148 -47.55 -2.27 -21.98
C TRP C 148 -47.88 -3.72 -22.33
N SER C 156 -41.44 -4.03 -22.44
CA SER C 156 -40.54 -3.53 -21.41
C SER C 156 -39.31 -2.86 -22.02
N GLY C 157 -38.83 -1.81 -21.36
CA GLY C 157 -37.64 -1.12 -21.78
C GLY C 157 -37.78 -0.24 -23.01
N ASN C 158 -38.97 -0.21 -23.63
CA ASN C 158 -39.20 0.57 -24.84
C ASN C 158 -40.26 1.64 -24.61
N SER C 159 -40.18 2.33 -23.48
CA SER C 159 -41.11 3.41 -23.18
C SER C 159 -40.45 4.35 -22.17
N GLN C 160 -40.96 5.59 -22.15
CA GLN C 160 -40.46 6.62 -21.24
C GLN C 160 -41.64 7.32 -20.60
N GLU C 161 -41.65 7.35 -19.27
CA GLU C 161 -42.74 7.95 -18.53
C GLU C 161 -42.48 9.43 -18.26
N SER C 162 -43.56 10.15 -17.96
CA SER C 162 -43.49 11.57 -17.65
C SER C 162 -44.76 11.97 -16.92
N VAL C 163 -44.62 12.70 -15.82
CA VAL C 163 -45.74 13.12 -15.00
C VAL C 163 -45.66 14.63 -14.80
N THR C 164 -46.82 15.27 -14.75
CA THR C 164 -46.88 16.71 -14.56
C THR C 164 -46.83 17.05 -13.07
N GLU C 165 -46.61 18.33 -12.79
CA GLU C 165 -46.70 18.82 -11.43
C GLU C 165 -48.12 18.64 -10.90
N GLN C 166 -48.26 18.70 -9.57
CA GLN C 166 -49.59 18.68 -8.98
C GLN C 166 -50.36 19.92 -9.43
N ASP C 167 -51.55 19.70 -9.99
CA ASP C 167 -52.32 20.78 -10.55
C ASP C 167 -52.74 21.76 -9.46
N SER C 168 -52.54 23.06 -9.73
CA SER C 168 -52.83 24.08 -8.73
C SER C 168 -54.31 24.18 -8.40
N LYS C 169 -55.18 23.65 -9.26
CA LYS C 169 -56.63 23.76 -9.05
C LYS C 169 -57.22 22.53 -8.37
N ASP C 170 -57.12 21.36 -9.02
CA ASP C 170 -57.77 20.16 -8.50
C ASP C 170 -56.79 19.19 -7.83
N SER C 171 -55.52 19.57 -7.69
CA SER C 171 -54.53 18.81 -6.93
C SER C 171 -54.32 17.40 -7.49
N THR C 172 -54.60 17.21 -8.78
CA THR C 172 -54.41 15.91 -9.41
C THR C 172 -53.12 15.90 -10.22
N TYR C 173 -52.73 14.71 -10.65
CA TYR C 173 -51.56 14.49 -11.48
C TYR C 173 -51.99 13.95 -12.83
N SER C 174 -51.11 14.10 -13.82
CA SER C 174 -51.32 13.54 -15.15
C SER C 174 -50.03 12.89 -15.62
N LEU C 175 -50.14 11.66 -16.10
CA LEU C 175 -48.97 10.87 -16.46
C LEU C 175 -49.12 10.36 -17.90
N SER C 176 -47.98 10.27 -18.58
CA SER C 176 -47.92 9.77 -19.95
C SER C 176 -46.75 8.80 -20.09
N SER C 177 -46.96 7.74 -20.86
CA SER C 177 -45.93 6.74 -21.13
C SER C 177 -45.85 6.54 -22.63
N THR C 178 -44.64 6.68 -23.18
CA THR C 178 -44.45 6.55 -24.61
C THR C 178 -43.49 5.41 -24.94
N CYS C 194 -52.09 -1.02 -22.83
CA CYS C 194 -51.71 -0.19 -21.69
C CYS C 194 -52.54 -0.53 -20.46
N GLU C 195 -52.02 -1.42 -19.62
CA GLU C 195 -52.67 -1.77 -18.37
C GLU C 195 -52.25 -0.78 -17.29
N VAL C 196 -53.24 -0.23 -16.59
CA VAL C 196 -53.01 0.82 -15.59
C VAL C 196 -53.55 0.35 -14.26
N THR C 197 -52.71 0.42 -13.22
CA THR C 197 -53.11 0.09 -11.86
C THR C 197 -52.99 1.34 -11.00
N HIS C 198 -54.08 1.68 -10.30
CA HIS C 198 -54.12 2.88 -9.50
C HIS C 198 -55.05 2.67 -8.31
N GLN C 199 -54.85 3.47 -7.27
CA GLN C 199 -55.65 3.35 -6.05
C GLN C 199 -57.13 3.59 -6.32
N GLY C 200 -57.46 4.46 -7.28
CA GLY C 200 -58.85 4.71 -7.60
C GLY C 200 -59.50 3.63 -8.44
N LEU C 201 -58.70 2.79 -9.10
CA LEU C 201 -59.23 1.72 -9.95
C LEU C 201 -59.35 0.45 -9.12
N SER C 202 -60.58 -0.06 -9.01
CA SER C 202 -60.82 -1.29 -8.26
C SER C 202 -60.16 -2.50 -8.90
N SER C 203 -59.72 -2.37 -10.16
CA SER C 203 -58.98 -3.42 -10.85
C SER C 203 -58.31 -2.78 -12.07
N PRO C 204 -57.11 -3.22 -12.43
CA PRO C 204 -56.39 -2.63 -13.58
C PRO C 204 -57.30 -2.44 -14.79
N VAL C 205 -57.26 -1.24 -15.35
CA VAL C 205 -58.04 -0.88 -16.53
C VAL C 205 -57.13 -0.94 -17.74
N THR C 206 -57.52 -1.72 -18.75
CA THR C 206 -56.79 -1.81 -20.00
C THR C 206 -57.46 -0.94 -21.05
N LYS C 207 -56.65 -0.38 -21.94
CA LYS C 207 -57.16 0.48 -23.00
C LYS C 207 -56.37 0.27 -24.29
N VAL D 2 -30.01 43.78 -1.86
CA VAL D 2 -29.15 42.60 -1.80
C VAL D 2 -29.62 41.54 -2.79
N GLN D 3 -28.84 41.32 -3.84
CA GLN D 3 -29.16 40.32 -4.84
C GLN D 3 -27.88 39.80 -5.46
N LEU D 4 -27.97 38.60 -6.04
CA LEU D 4 -26.85 37.94 -6.68
C LEU D 4 -27.25 37.62 -8.13
N GLN D 5 -26.64 38.32 -9.08
CA GLN D 5 -26.92 38.12 -10.50
C GLN D 5 -25.98 37.06 -11.05
N GLN D 6 -26.54 36.00 -11.60
CA GLN D 6 -25.77 34.90 -12.16
C GLN D 6 -25.76 34.97 -13.68
N SER D 7 -24.90 34.16 -14.29
CA SER D 7 -24.78 34.13 -15.74
C SER D 7 -25.99 33.43 -16.36
N GLY D 8 -26.05 33.49 -17.69
CA GLY D 8 -27.13 32.84 -18.42
C GLY D 8 -26.87 31.38 -18.67
N ALA D 9 -27.89 30.72 -19.24
CA ALA D 9 -27.79 29.30 -19.52
C ALA D 9 -26.64 29.01 -20.47
N GLU D 10 -25.95 27.90 -20.24
CA GLU D 10 -24.77 27.52 -21.00
C GLU D 10 -24.97 26.15 -21.63
N LEU D 11 -24.84 26.08 -22.95
CA LEU D 11 -24.86 24.84 -23.70
C LEU D 11 -23.51 24.68 -24.38
N VAL D 12 -22.74 23.67 -23.98
CA VAL D 12 -21.35 23.52 -24.40
C VAL D 12 -21.07 22.07 -24.78
N ARG D 13 -19.95 21.88 -25.48
CA ARG D 13 -19.55 20.56 -25.92
C ARG D 13 -19.00 19.74 -24.74
N PRO D 14 -19.06 18.41 -24.84
CA PRO D 14 -18.68 17.58 -23.67
C PRO D 14 -17.28 17.83 -23.14
N GLY D 15 -16.29 17.98 -24.01
CA GLY D 15 -14.92 18.05 -23.55
C GLY D 15 -14.42 19.40 -23.07
N THR D 16 -15.22 20.46 -23.18
CA THR D 16 -14.75 21.81 -22.92
C THR D 16 -14.91 22.19 -21.44
N SER D 17 -14.63 23.45 -21.13
CA SER D 17 -14.76 24.04 -19.80
C SER D 17 -15.67 25.26 -19.90
N VAL D 18 -15.99 25.86 -18.74
CA VAL D 18 -16.91 26.98 -18.74
C VAL D 18 -16.75 27.77 -17.45
N LYS D 19 -16.92 29.08 -17.56
CA LYS D 19 -16.96 30.00 -16.43
C LYS D 19 -18.39 30.51 -16.27
N VAL D 20 -18.88 30.53 -15.03
CA VAL D 20 -20.13 31.18 -14.71
C VAL D 20 -19.87 32.25 -13.67
N SER D 21 -20.57 33.37 -13.80
CA SER D 21 -20.36 34.54 -12.95
C SER D 21 -21.49 34.69 -11.95
N CYS D 22 -21.21 35.43 -10.88
CA CYS D 22 -22.18 35.69 -9.82
C CYS D 22 -21.85 37.07 -9.26
N LYS D 23 -22.50 38.09 -9.81
CA LYS D 23 -22.22 39.48 -9.45
C LYS D 23 -23.09 39.90 -8.27
N ALA D 24 -22.45 40.47 -7.25
CA ALA D 24 -23.12 40.89 -6.03
C ALA D 24 -23.40 42.39 -6.04
N SER D 25 -24.38 42.79 -5.24
CA SER D 25 -24.78 44.19 -5.14
C SER D 25 -25.64 44.37 -3.90
N GLY D 26 -25.59 45.57 -3.34
CA GLY D 26 -26.44 45.93 -2.22
C GLY D 26 -25.86 45.68 -0.84
N TYR D 27 -24.60 45.24 -0.76
CA TYR D 27 -23.99 44.98 0.55
C TYR D 27 -22.48 45.07 0.39
N ALA D 28 -21.78 45.09 1.53
CA ALA D 28 -20.33 45.10 1.54
C ALA D 28 -19.81 43.78 1.01
N PHE D 29 -19.25 43.82 -0.21
CA PHE D 29 -18.93 42.59 -0.93
C PHE D 29 -17.92 41.73 -0.17
N THR D 30 -16.89 42.35 0.39
CA THR D 30 -15.82 41.61 1.05
C THR D 30 -16.14 41.22 2.49
N ASN D 31 -17.40 41.33 2.91
CA ASN D 31 -17.78 40.99 4.28
C ASN D 31 -18.69 39.77 4.34
N TYR D 32 -18.87 39.06 3.22
CA TYR D 32 -19.76 37.90 3.18
C TYR D 32 -19.12 36.83 2.31
N LEU D 33 -19.13 35.59 2.79
CA LEU D 33 -18.63 34.47 2.00
C LEU D 33 -19.64 34.10 0.92
N ILE D 34 -19.13 33.68 -0.23
CA ILE D 34 -19.94 33.24 -1.35
C ILE D 34 -19.79 31.74 -1.48
N GLU D 35 -20.91 31.02 -1.52
CA GLU D 35 -20.93 29.57 -1.60
C GLU D 35 -21.63 29.14 -2.88
N TRP D 36 -21.30 27.95 -3.34
CA TRP D 36 -21.82 27.43 -4.61
C TRP D 36 -22.42 26.05 -4.41
N VAL D 37 -23.59 25.83 -5.02
CA VAL D 37 -24.37 24.62 -4.84
C VAL D 37 -24.75 24.07 -6.21
N LYS D 38 -24.66 22.75 -6.35
CA LYS D 38 -25.01 22.05 -7.58
C LYS D 38 -26.33 21.32 -7.40
N GLN D 39 -27.21 21.43 -8.40
CA GLN D 39 -28.51 20.76 -8.39
C GLN D 39 -28.76 20.13 -9.75
N ARG D 40 -28.69 18.80 -9.81
CA ARG D 40 -29.03 18.10 -11.03
C ARG D 40 -30.55 18.07 -11.20
N PRO D 41 -31.03 18.03 -12.46
CA PRO D 41 -32.48 18.00 -12.69
C PRO D 41 -33.22 16.95 -11.87
N GLY D 42 -34.15 17.40 -11.03
CA GLY D 42 -34.91 16.51 -10.18
C GLY D 42 -34.12 15.90 -9.05
N GLN D 43 -33.09 16.59 -8.56
CA GLN D 43 -32.23 16.07 -7.52
C GLN D 43 -32.09 17.08 -6.39
N GLY D 44 -31.42 16.67 -5.33
CA GLY D 44 -31.22 17.50 -4.16
C GLY D 44 -30.16 18.55 -4.36
N LEU D 45 -29.60 19.01 -3.26
CA LEU D 45 -28.61 20.09 -3.26
C LEU D 45 -27.26 19.54 -2.85
N GLU D 46 -26.23 19.86 -3.63
CA GLU D 46 -24.87 19.42 -3.39
C GLU D 46 -23.96 20.64 -3.25
N TRP D 47 -23.23 20.71 -2.14
CA TRP D 47 -22.34 21.83 -1.88
C TRP D 47 -21.04 21.68 -2.67
N ILE D 48 -20.68 22.74 -3.40
CA ILE D 48 -19.48 22.71 -4.23
C ILE D 48 -18.29 23.26 -3.45
N GLY D 49 -18.39 24.51 -3.01
CA GLY D 49 -17.29 25.14 -2.32
C GLY D 49 -17.65 26.53 -1.88
N VAL D 50 -16.71 27.17 -1.20
CA VAL D 50 -16.89 28.49 -0.63
C VAL D 50 -15.63 29.32 -0.90
N ILE D 51 -15.83 30.61 -1.14
CA ILE D 51 -14.74 31.54 -1.41
C ILE D 51 -14.88 32.77 -0.51
N ASN D 52 -13.73 33.24 -0.01
CA ASN D 52 -13.68 34.50 0.71
C ASN D 52 -13.32 35.58 -0.28
N PRO D 53 -14.25 36.44 -0.69
CA PRO D 53 -13.94 37.46 -1.73
C PRO D 53 -12.93 38.49 -1.28
N GLY D 54 -12.65 38.60 0.02
CA GLY D 54 -11.67 39.57 0.47
C GLY D 54 -10.24 39.15 0.16
N ILE D 55 -9.89 37.91 0.49
CA ILE D 55 -8.53 37.42 0.33
C ILE D 55 -8.37 36.47 -0.85
N GLY D 56 -9.47 35.91 -1.37
CA GLY D 56 -9.37 34.84 -2.35
C GLY D 56 -9.23 33.46 -1.74
N ASN D 57 -9.39 33.34 -0.42
CA ASN D 57 -9.33 32.05 0.24
C ASN D 57 -10.48 31.16 -0.23
N THR D 58 -10.22 29.86 -0.35
CA THR D 58 -11.22 28.93 -0.85
C THR D 58 -11.15 27.60 -0.11
N ASN D 59 -12.27 26.90 -0.09
CA ASN D 59 -12.36 25.51 0.34
C ASN D 59 -13.37 24.81 -0.55
N TYR D 60 -13.10 23.55 -0.87
CA TYR D 60 -13.91 22.80 -1.81
C TYR D 60 -14.40 21.49 -1.21
N ASN D 61 -15.59 21.07 -1.65
CA ASN D 61 -16.00 19.69 -1.45
C ASN D 61 -14.97 18.78 -2.12
N GLU D 62 -14.60 17.70 -1.43
CA GLU D 62 -13.55 16.83 -1.93
C GLU D 62 -13.91 16.23 -3.28
N LYS D 63 -15.19 16.00 -3.54
CA LYS D 63 -15.63 15.44 -4.81
C LYS D 63 -15.67 16.46 -5.93
N PHE D 64 -15.40 17.73 -5.65
CA PHE D 64 -15.31 18.75 -6.67
C PHE D 64 -13.91 19.33 -6.81
N LYS D 65 -12.95 18.84 -6.04
CA LYS D 65 -11.57 19.28 -6.17
C LYS D 65 -11.02 18.85 -7.53
N GLY D 66 -10.45 19.81 -8.26
CA GLY D 66 -10.00 19.57 -9.61
C GLY D 66 -11.06 19.76 -10.67
N LYS D 67 -12.33 19.82 -10.29
CA LYS D 67 -13.44 20.08 -11.21
C LYS D 67 -13.97 21.50 -11.12
N ALA D 68 -14.03 22.06 -9.91
CA ALA D 68 -14.51 23.41 -9.70
C ALA D 68 -13.38 24.31 -9.20
N THR D 69 -13.42 25.57 -9.62
CA THR D 69 -12.39 26.54 -9.25
C THR D 69 -13.04 27.91 -9.10
N LEU D 70 -12.92 28.50 -7.92
CA LEU D 70 -13.59 29.75 -7.59
C LEU D 70 -12.60 30.91 -7.59
N THR D 71 -13.02 32.04 -8.16
CA THR D 71 -12.24 33.27 -8.14
C THR D 71 -13.18 34.45 -7.92
N ALA D 72 -12.64 35.53 -7.38
CA ALA D 72 -13.40 36.73 -7.10
C ALA D 72 -12.67 37.96 -7.58
N ASP D 73 -13.43 38.93 -8.09
CA ASP D 73 -12.90 40.21 -8.56
C ASP D 73 -13.53 41.31 -7.71
N LYS D 74 -12.75 41.83 -6.75
CA LYS D 74 -13.30 42.81 -5.82
C LYS D 74 -13.72 44.10 -6.52
N SER D 75 -13.05 44.45 -7.62
CA SER D 75 -13.38 45.68 -8.33
C SER D 75 -14.78 45.60 -8.95
N SER D 76 -15.13 44.45 -9.51
CA SER D 76 -16.43 44.25 -10.15
C SER D 76 -17.45 43.61 -9.22
N SER D 77 -17.06 43.25 -8.00
CA SER D 77 -17.95 42.59 -7.05
C SER D 77 -18.59 41.35 -7.66
N THR D 78 -17.75 40.49 -8.24
CA THR D 78 -18.20 39.34 -9.00
C THR D 78 -17.38 38.11 -8.61
N VAL D 79 -18.05 36.96 -8.56
CA VAL D 79 -17.42 35.69 -8.22
C VAL D 79 -17.63 34.72 -9.38
N TYR D 80 -16.59 33.97 -9.72
CA TYR D 80 -16.60 33.07 -10.87
C TYR D 80 -16.40 31.63 -10.43
N MET D 81 -16.69 30.70 -11.34
CA MET D 81 -16.49 29.28 -11.08
C MET D 81 -16.12 28.57 -12.36
N GLN D 82 -14.96 27.94 -12.39
CA GLN D 82 -14.56 27.11 -13.53
C GLN D 82 -15.07 25.68 -13.34
N LEU D 83 -15.60 25.11 -14.41
CA LEU D 83 -15.86 23.69 -14.49
C LEU D 83 -14.91 23.10 -15.53
N SER D 84 -14.08 22.16 -15.11
CA SER D 84 -13.08 21.56 -15.98
C SER D 84 -13.43 20.11 -16.25
N SER D 85 -13.05 19.64 -17.44
CA SER D 85 -13.29 18.27 -17.90
C SER D 85 -14.77 17.91 -17.72
N LEU D 86 -15.59 18.55 -18.55
CA LEU D 86 -17.03 18.45 -18.39
C LEU D 86 -17.53 17.06 -18.75
N THR D 87 -18.58 16.64 -18.04
CA THR D 87 -19.18 15.32 -18.23
C THR D 87 -20.68 15.46 -18.12
N SER D 88 -21.40 14.50 -18.70
CA SER D 88 -22.86 14.49 -18.60
C SER D 88 -23.31 14.55 -17.14
N ASP D 89 -22.52 14.00 -16.23
CA ASP D 89 -22.81 14.09 -14.80
C ASP D 89 -22.57 15.49 -14.24
N ASP D 90 -22.15 16.46 -15.08
CA ASP D 90 -22.03 17.84 -14.67
C ASP D 90 -23.16 18.72 -15.17
N SER D 91 -24.05 18.18 -16.01
CA SER D 91 -25.22 18.92 -16.47
C SER D 91 -26.17 19.13 -15.29
N ALA D 92 -26.25 20.36 -14.80
CA ALA D 92 -27.02 20.67 -13.61
C ALA D 92 -27.22 22.19 -13.55
N VAL D 93 -27.99 22.62 -12.56
CA VAL D 93 -28.16 24.04 -12.25
C VAL D 93 -27.21 24.38 -11.10
N TYR D 94 -26.48 25.49 -11.24
CA TYR D 94 -25.47 25.89 -10.28
C TYR D 94 -25.88 27.20 -9.63
N PHE D 95 -26.06 27.18 -8.31
CA PHE D 95 -26.47 28.35 -7.54
C PHE D 95 -25.26 28.95 -6.82
N CYS D 96 -25.28 30.26 -6.67
CA CYS D 96 -24.38 30.98 -5.78
C CYS D 96 -25.21 31.64 -4.68
N ALA D 97 -24.71 31.55 -3.44
CA ALA D 97 -25.48 32.03 -2.29
C ALA D 97 -24.58 32.81 -1.36
N ARG D 98 -25.13 33.86 -0.77
CA ARG D 98 -24.40 34.61 0.24
C ARG D 98 -24.36 33.82 1.54
N GLY D 99 -23.17 33.70 2.13
CA GLY D 99 -23.01 32.84 3.29
C GLY D 99 -22.63 33.56 4.57
N LEU D 100 -21.49 33.17 5.15
CA LEU D 100 -21.08 33.68 6.44
C LEU D 100 -20.77 35.17 6.38
N ASN D 101 -21.20 35.88 7.42
CA ASN D 101 -20.88 37.29 7.57
C ASN D 101 -19.65 37.45 8.46
N TYR D 102 -18.86 38.47 8.19
CA TYR D 102 -17.74 38.82 9.06
C TYR D 102 -18.29 39.75 10.13
N GLY D 103 -18.75 39.17 11.23
CA GLY D 103 -19.35 39.96 12.28
C GLY D 103 -19.48 39.16 13.55
N SER D 104 -20.27 39.70 14.48
CA SER D 104 -20.38 39.09 15.80
C SER D 104 -21.46 38.02 15.85
N SER D 105 -22.53 38.17 15.08
CA SER D 105 -23.59 37.16 14.98
C SER D 105 -23.36 36.36 13.70
N GLN D 106 -22.93 35.11 13.87
CA GLN D 106 -22.58 34.23 12.75
C GLN D 106 -23.35 32.93 12.90
N HIS D 107 -24.08 32.55 11.85
CA HIS D 107 -24.92 31.36 11.88
C HIS D 107 -24.77 30.45 10.67
N TRP D 108 -24.02 30.86 9.65
CA TRP D 108 -23.65 30.00 8.53
C TRP D 108 -24.85 29.58 7.67
N TYR D 109 -25.86 30.43 7.54
CA TYR D 109 -26.97 30.14 6.65
C TYR D 109 -26.80 30.86 5.32
N PHE D 110 -27.45 30.32 4.30
CA PHE D 110 -27.44 30.91 2.96
C PHE D 110 -28.71 31.73 2.82
N ASP D 111 -28.60 33.04 3.05
CA ASP D 111 -29.77 33.91 3.13
C ASP D 111 -30.22 34.45 1.77
N VAL D 112 -29.29 34.74 0.86
CA VAL D 112 -29.62 35.24 -0.46
C VAL D 112 -29.05 34.28 -1.50
N TRP D 113 -29.92 33.82 -2.40
CA TRP D 113 -29.55 32.88 -3.44
C TRP D 113 -29.68 33.54 -4.81
N GLY D 114 -28.75 33.23 -5.70
CA GLY D 114 -28.89 33.64 -7.08
C GLY D 114 -29.93 32.82 -7.81
N ALA D 115 -30.31 33.29 -9.00
CA ALA D 115 -31.32 32.60 -9.79
C ALA D 115 -30.83 31.25 -10.30
N GLY D 116 -29.53 31.05 -10.38
CA GLY D 116 -28.98 29.80 -10.89
C GLY D 116 -28.57 29.91 -12.34
N THR D 117 -27.44 29.27 -12.68
CA THR D 117 -26.95 29.23 -14.06
C THR D 117 -27.13 27.82 -14.58
N SER D 118 -28.00 27.66 -15.57
CA SER D 118 -28.22 26.35 -16.17
C SER D 118 -27.01 25.95 -17.00
N VAL D 119 -26.43 24.80 -16.69
CA VAL D 119 -25.31 24.25 -17.43
C VAL D 119 -25.75 22.88 -17.93
N THR D 120 -25.88 22.74 -19.24
CA THR D 120 -26.23 21.47 -19.88
C THR D 120 -25.17 21.16 -20.91
N VAL D 121 -24.46 20.05 -20.71
CA VAL D 121 -23.37 19.64 -21.59
C VAL D 121 -23.78 18.37 -22.32
N SER D 122 -23.52 18.34 -23.62
CA SER D 122 -23.98 17.24 -24.46
C SER D 122 -23.26 17.30 -25.80
N SER D 123 -23.16 16.14 -26.45
CA SER D 123 -22.50 16.05 -27.74
C SER D 123 -23.41 16.43 -28.90
N ARG D 124 -24.72 16.48 -28.69
CA ARG D 124 -25.64 16.74 -29.79
C ARG D 124 -25.63 18.22 -30.16
N SER D 125 -26.12 18.50 -31.36
CA SER D 125 -26.16 19.85 -31.90
C SER D 125 -27.61 20.31 -32.04
N THR D 126 -27.76 21.57 -32.43
CA THR D 126 -29.08 22.17 -32.56
C THR D 126 -29.91 21.42 -33.59
N LYS D 127 -31.11 21.01 -33.18
CA LYS D 127 -31.99 20.20 -34.02
C LYS D 127 -33.43 20.68 -33.85
N GLY D 128 -34.20 20.55 -34.92
CA GLY D 128 -35.57 21.03 -34.95
C GLY D 128 -36.58 19.97 -34.57
N PRO D 129 -37.68 20.39 -33.96
CA PRO D 129 -38.69 19.44 -33.49
C PRO D 129 -39.50 18.85 -34.63
N SER D 130 -39.89 17.59 -34.46
CA SER D 130 -40.80 16.91 -35.36
C SER D 130 -42.12 16.67 -34.63
N VAL D 131 -43.23 16.88 -35.33
CA VAL D 131 -44.56 16.89 -34.73
C VAL D 131 -45.34 15.70 -35.25
N PHE D 132 -45.86 14.88 -34.32
CA PHE D 132 -46.63 13.71 -34.69
C PHE D 132 -47.88 13.59 -33.82
N THR D 145 -65.90 11.83 -22.02
CA THR D 145 -65.60 12.51 -23.28
C THR D 145 -64.30 12.00 -23.89
N ALA D 146 -63.68 12.82 -24.73
CA ALA D 146 -62.50 12.42 -25.49
C ALA D 146 -61.31 13.34 -25.17
N ALA D 147 -60.17 13.03 -25.78
CA ALA D 147 -58.94 13.77 -25.55
C ALA D 147 -58.02 13.63 -26.75
N LEU D 148 -57.55 14.77 -27.25
CA LEU D 148 -56.59 14.82 -28.36
C LEU D 148 -55.26 15.37 -27.86
N GLY D 149 -54.26 15.34 -28.74
CA GLY D 149 -52.95 15.83 -28.36
C GLY D 149 -51.98 15.84 -29.52
N CYS D 150 -50.78 16.34 -29.22
CA CYS D 150 -49.68 16.42 -30.17
C CYS D 150 -48.51 15.58 -29.66
N LEU D 151 -47.39 15.67 -30.36
CA LEU D 151 -46.20 14.88 -30.01
C LEU D 151 -44.99 15.55 -30.65
N VAL D 152 -44.02 15.93 -29.83
CA VAL D 152 -42.77 16.52 -30.30
C VAL D 152 -41.69 15.48 -30.05
N LYS D 153 -41.22 14.83 -31.12
CA LYS D 153 -40.41 13.62 -30.97
C LYS D 153 -38.93 13.92 -30.75
N ASP D 154 -38.35 14.79 -31.56
CA ASP D 154 -36.90 14.96 -31.56
C ASP D 154 -36.53 16.43 -31.66
N TYR D 155 -35.86 16.95 -30.63
CA TYR D 155 -35.23 18.25 -30.64
C TYR D 155 -34.25 18.30 -29.47
N PHE D 156 -33.10 18.94 -29.68
CA PHE D 156 -32.08 18.89 -28.63
C PHE D 156 -32.06 20.14 -27.76
N PRO D 157 -31.94 21.36 -28.32
CA PRO D 157 -31.85 22.54 -27.45
C PRO D 157 -33.19 22.90 -26.83
N GLU D 158 -33.42 22.43 -25.61
CA GLU D 158 -34.64 22.79 -24.88
C GLU D 158 -34.71 24.30 -24.72
N PRO D 159 -35.92 24.88 -24.60
CA PRO D 159 -37.23 24.23 -24.58
C PRO D 159 -38.11 24.54 -25.79
N VAL D 160 -39.29 23.92 -25.83
CA VAL D 160 -40.35 24.31 -26.74
C VAL D 160 -41.53 24.82 -25.91
N THR D 161 -42.36 25.63 -26.54
CA THR D 161 -43.60 26.11 -25.96
C THR D 161 -44.75 25.63 -26.84
N VAL D 162 -45.72 24.96 -26.22
CA VAL D 162 -46.88 24.42 -26.94
C VAL D 162 -48.12 25.19 -26.51
N SER D 163 -48.84 25.73 -27.49
CA SER D 163 -50.10 26.40 -27.27
C SER D 163 -51.14 25.80 -28.19
N TRP D 164 -52.41 25.95 -27.82
CA TRP D 164 -53.51 25.31 -28.53
C TRP D 164 -54.49 26.37 -29.00
N ASN D 165 -54.75 26.40 -30.31
CA ASN D 165 -55.71 27.31 -30.93
C ASN D 165 -55.39 28.77 -30.57
N SER D 166 -54.13 29.14 -30.76
CA SER D 166 -53.66 30.52 -30.54
C SER D 166 -53.93 30.97 -29.10
N GLY D 167 -53.73 30.06 -28.14
CA GLY D 167 -53.92 30.38 -26.74
C GLY D 167 -55.34 30.59 -26.30
N ALA D 168 -56.30 30.65 -27.23
CA ALA D 168 -57.70 30.83 -26.84
C ALA D 168 -58.20 29.68 -25.99
N LEU D 169 -57.60 28.50 -26.14
CA LEU D 169 -57.96 27.32 -25.37
C LEU D 169 -56.86 27.07 -24.34
N THR D 170 -57.22 27.13 -23.06
CA THR D 170 -56.27 26.85 -21.98
C THR D 170 -56.87 25.97 -20.90
N SER D 171 -58.06 25.41 -21.09
CA SER D 171 -58.69 24.54 -20.12
C SER D 171 -58.51 23.09 -20.54
N GLY D 172 -58.12 22.24 -19.60
CA GLY D 172 -57.87 20.84 -19.89
C GLY D 172 -56.55 20.53 -20.54
N VAL D 173 -55.67 21.52 -20.67
CA VAL D 173 -54.37 21.33 -21.33
C VAL D 173 -53.37 20.81 -20.32
N HIS D 174 -52.61 19.78 -20.72
CA HIS D 174 -51.58 19.17 -19.87
C HIS D 174 -50.34 18.92 -20.73
N THR D 175 -49.52 19.96 -20.90
CA THR D 175 -48.24 19.82 -21.58
C THR D 175 -47.26 19.13 -20.64
N PHE D 176 -46.67 18.05 -21.10
CA PHE D 176 -45.83 17.27 -20.21
C PHE D 176 -44.40 17.80 -20.21
N PRO D 177 -43.66 17.57 -19.13
CA PRO D 177 -42.24 17.94 -19.12
C PRO D 177 -41.45 17.11 -20.12
N ALA D 178 -40.48 17.75 -20.76
CA ALA D 178 -39.67 17.08 -21.77
C ALA D 178 -38.87 15.95 -21.14
N VAL D 179 -38.63 14.90 -21.93
CA VAL D 179 -37.85 13.75 -21.49
C VAL D 179 -36.65 13.59 -22.43
N LEU D 180 -35.49 13.32 -21.84
CA LEU D 180 -34.27 13.12 -22.61
C LEU D 180 -34.21 11.68 -23.08
N GLN D 181 -34.39 11.47 -24.39
CA GLN D 181 -34.34 10.13 -24.93
C GLN D 181 -32.89 9.66 -25.06
N SER D 182 -32.73 8.35 -25.31
CA SER D 182 -31.42 7.73 -25.31
C SER D 182 -30.49 8.29 -26.36
N SER D 183 -31.02 8.93 -27.40
CA SER D 183 -30.20 9.42 -28.49
C SER D 183 -29.57 10.78 -28.18
N GLY D 184 -30.03 11.48 -27.15
CA GLY D 184 -29.50 12.77 -26.77
C GLY D 184 -30.41 13.94 -27.03
N LEU D 185 -31.51 13.74 -27.75
CA LEU D 185 -32.47 14.79 -28.01
C LEU D 185 -33.59 14.73 -26.97
N TYR D 186 -34.59 15.59 -27.12
CA TYR D 186 -35.69 15.68 -26.17
C TYR D 186 -37.02 15.38 -26.85
N SER D 187 -37.99 14.96 -26.05
CA SER D 187 -39.35 14.73 -26.54
C SER D 187 -40.34 15.07 -25.43
N LEU D 188 -41.57 15.37 -25.85
CA LEU D 188 -42.65 15.66 -24.91
C LEU D 188 -43.99 15.44 -25.60
N SER D 189 -45.06 15.56 -24.83
CA SER D 189 -46.41 15.41 -25.33
C SER D 189 -47.29 16.47 -24.69
N SER D 190 -48.15 17.08 -25.50
CA SER D 190 -49.13 18.06 -25.03
C SER D 190 -50.52 17.53 -25.36
N VAL D 191 -51.43 17.59 -24.38
CA VAL D 191 -52.75 16.97 -24.52
C VAL D 191 -53.80 17.93 -23.97
N VAL D 192 -54.95 17.96 -24.63
CA VAL D 192 -56.12 18.71 -24.18
C VAL D 192 -57.31 17.77 -24.13
N THR D 193 -58.08 17.85 -23.04
CA THR D 193 -59.32 17.10 -22.91
C THR D 193 -60.46 17.92 -23.50
N VAL D 194 -61.21 17.31 -24.41
CA VAL D 194 -62.23 18.02 -25.17
C VAL D 194 -63.60 17.37 -24.96
N PRO D 195 -64.70 18.11 -25.11
CA PRO D 195 -66.02 17.49 -25.04
C PRO D 195 -66.23 16.51 -26.18
N SER D 196 -66.97 15.43 -25.90
CA SER D 196 -67.21 14.41 -26.91
C SER D 196 -68.02 14.95 -28.08
N SER D 197 -68.89 15.93 -27.82
CA SER D 197 -69.72 16.48 -28.89
C SER D 197 -68.91 17.41 -29.79
N SER D 198 -68.08 18.27 -29.21
CA SER D 198 -67.27 19.20 -29.99
C SER D 198 -66.26 18.48 -30.89
N CYS D 206 -52.86 23.46 -32.45
CA CYS D 206 -51.67 22.95 -31.75
C CYS D 206 -50.42 23.66 -32.25
N ASN D 207 -50.04 24.74 -31.57
CA ASN D 207 -48.92 25.58 -31.97
C ASN D 207 -47.69 25.21 -31.14
N VAL D 208 -46.64 24.75 -31.82
CA VAL D 208 -45.36 24.45 -31.20
C VAL D 208 -44.35 25.50 -31.66
N ASN D 209 -43.45 25.89 -30.76
CA ASN D 209 -42.47 26.93 -31.05
C ASN D 209 -41.14 26.53 -30.42
N HIS D 210 -40.13 26.35 -31.27
CA HIS D 210 -38.76 26.07 -30.83
C HIS D 210 -37.89 27.25 -31.26
N LYS D 211 -37.30 27.95 -30.27
CA LYS D 211 -36.50 29.13 -30.61
C LYS D 211 -35.18 28.74 -31.26
N PRO D 212 -34.32 27.92 -30.64
CA PRO D 212 -32.99 27.68 -31.22
C PRO D 212 -33.02 27.09 -32.62
N SER D 213 -34.13 26.51 -33.06
CA SER D 213 -34.25 26.00 -34.41
C SER D 213 -35.02 26.94 -35.33
N ASN D 214 -35.61 28.00 -34.79
CA ASN D 214 -36.45 28.93 -35.56
C ASN D 214 -37.56 28.18 -36.30
N THR D 215 -38.04 27.09 -35.71
CA THR D 215 -39.04 26.22 -36.31
C THR D 215 -40.35 26.39 -35.55
N LYS D 216 -41.39 26.82 -36.25
CA LYS D 216 -42.72 26.96 -35.70
C LYS D 216 -43.67 26.09 -36.50
N VAL D 217 -44.36 25.19 -35.83
CA VAL D 217 -45.26 24.23 -36.47
C VAL D 217 -46.65 24.37 -35.86
N ASP D 218 -47.66 24.50 -36.71
CA ASP D 218 -49.05 24.49 -36.31
C ASP D 218 -49.74 23.32 -36.99
N LYS D 219 -50.47 22.53 -36.22
CA LYS D 219 -51.13 21.35 -36.75
C LYS D 219 -52.56 21.20 -36.20
N ASN E 46 -7.68 44.91 14.00
CA ASN E 46 -6.65 44.53 14.97
C ASN E 46 -5.29 44.36 14.31
N THR E 47 -4.33 45.19 14.69
CA THR E 47 -3.00 45.20 14.10
C THR E 47 -1.96 45.16 15.21
N VAL E 48 -0.85 44.47 14.93
CA VAL E 48 0.26 44.35 15.87
C VAL E 48 1.56 44.54 15.09
N ILE E 49 2.36 45.51 15.50
CA ILE E 49 3.65 45.78 14.87
C ILE E 49 4.75 45.51 15.90
N GLY E 50 5.66 44.59 15.55
CA GLY E 50 6.78 44.30 16.43
C GLY E 50 7.87 45.36 16.34
N GLY E 51 8.81 45.26 17.28
CA GLY E 51 9.95 46.14 17.32
C GLY E 51 11.09 45.64 16.46
N ALA E 52 12.23 46.32 16.58
CA ALA E 52 13.41 45.94 15.83
C ALA E 52 14.11 44.71 16.39
N GLY E 53 13.72 44.26 17.59
CA GLY E 53 14.33 43.10 18.21
C GLY E 53 13.52 41.84 18.04
N ASP E 54 13.97 40.78 18.70
CA ASP E 54 13.29 39.49 18.62
C ASP E 54 11.97 39.56 19.40
N ASP E 55 10.87 39.36 18.70
CA ASP E 55 9.54 39.46 19.27
C ASP E 55 8.81 38.13 19.16
N VAL E 56 7.95 37.86 20.14
CA VAL E 56 7.15 36.63 20.17
C VAL E 56 5.69 37.03 20.34
N PHE E 57 4.85 36.59 19.40
CA PHE E 57 3.44 36.92 19.38
C PHE E 57 2.63 35.66 19.69
N LEU E 58 1.94 35.66 20.83
CA LEU E 58 1.04 34.57 21.19
C LEU E 58 -0.30 34.80 20.50
N GLN E 59 -0.63 33.95 19.55
CA GLN E 59 -1.84 34.09 18.74
C GLN E 59 -2.83 33.00 19.12
N ASP E 60 -4.08 33.41 19.35
CA ASP E 60 -5.14 32.47 19.64
C ASP E 60 -5.78 31.98 18.35
N LEU E 61 -6.70 31.01 18.48
CA LEU E 61 -7.43 30.45 17.35
C LEU E 61 -8.80 31.10 17.20
N GLY E 62 -8.89 32.40 17.43
CA GLY E 62 -10.15 33.11 17.33
C GLY E 62 -10.62 33.25 15.89
N VAL E 63 -11.82 33.80 15.75
CA VAL E 63 -12.47 33.88 14.44
C VAL E 63 -12.23 35.21 13.74
N TRP E 64 -11.50 36.13 14.36
CA TRP E 64 -11.28 37.45 13.78
C TRP E 64 -10.04 37.46 12.89
N SER E 65 -9.93 38.50 12.09
CA SER E 65 -8.81 38.69 11.17
C SER E 65 -7.81 39.66 11.79
N ASN E 66 -6.56 39.23 11.92
CA ASN E 66 -5.52 40.01 12.56
C ASN E 66 -4.40 40.32 11.58
N GLN E 67 -3.76 41.48 11.78
CA GLN E 67 -2.60 41.90 11.00
C GLN E 67 -1.38 41.91 11.91
N LEU E 68 -0.37 41.14 11.53
CA LEU E 68 0.86 41.03 12.31
C LEU E 68 2.05 41.44 11.45
N ASP E 69 2.89 42.31 12.00
CA ASP E 69 4.14 42.71 11.37
C ASP E 69 5.24 42.62 12.42
N GLY E 70 6.13 41.63 12.27
CA GLY E 70 7.20 41.46 13.24
C GLY E 70 8.27 42.52 13.16
N GLY E 71 8.39 43.21 12.03
CA GLY E 71 9.45 44.18 11.88
C GLY E 71 10.81 43.50 11.75
N ALA E 72 11.85 44.25 12.08
CA ALA E 72 13.20 43.72 12.05
C ALA E 72 13.39 42.67 13.15
N GLY E 73 14.51 41.97 13.09
CA GLY E 73 14.80 40.93 14.05
C GLY E 73 14.14 39.61 13.70
N VAL E 74 14.45 38.60 14.51
CA VAL E 74 13.89 37.27 14.33
C VAL E 74 12.63 37.15 15.18
N ASP E 75 11.49 36.96 14.53
CA ASP E 75 10.20 37.06 15.19
C ASP E 75 9.40 35.76 15.04
N THR E 76 8.64 35.44 16.07
CA THR E 76 7.90 34.18 16.14
C THR E 76 6.45 34.43 16.48
N VAL E 77 5.55 33.79 15.76
CA VAL E 77 4.15 33.66 16.16
C VAL E 77 3.94 32.27 16.74
N LYS E 78 3.25 32.19 17.87
CA LYS E 78 3.00 30.92 18.54
C LYS E 78 1.49 30.67 18.59
N TYR E 79 1.09 29.43 18.32
CA TYR E 79 -0.30 29.03 18.37
C TYR E 79 -0.55 27.91 19.37
N ASN E 80 0.46 27.57 20.19
CA ASN E 80 0.36 26.45 21.12
C ASN E 80 0.18 26.89 22.57
N VAL E 81 0.12 28.18 22.85
CA VAL E 81 -0.06 28.63 24.23
C VAL E 81 -1.54 28.78 24.57
N HIS E 82 -2.34 29.28 23.63
CA HIS E 82 -3.77 29.47 23.89
C HIS E 82 -4.49 28.13 23.92
N GLN E 83 -5.43 28.00 24.84
CA GLN E 83 -6.26 26.79 24.91
C GLN E 83 -7.37 26.88 23.85
N PRO E 84 -7.46 25.92 22.93
CA PRO E 84 -8.52 25.97 21.92
C PRO E 84 -9.90 25.92 22.57
N SER E 85 -10.79 26.80 22.12
CA SER E 85 -12.09 26.96 22.74
C SER E 85 -12.93 25.69 22.58
N GLU E 86 -13.96 25.59 23.43
CA GLU E 86 -14.80 24.40 23.44
C GLU E 86 -15.65 24.31 22.18
N GLU E 87 -16.06 25.45 21.61
CA GLU E 87 -16.81 25.40 20.36
C GLU E 87 -15.91 24.97 19.20
N ARG E 88 -14.68 25.45 19.17
CA ARG E 88 -13.77 25.05 18.10
C ARG E 88 -13.45 23.56 18.17
N LEU E 89 -13.28 23.03 19.38
CA LEU E 89 -13.06 21.58 19.52
C LEU E 89 -14.27 20.80 19.04
N GLU E 90 -15.46 21.36 19.19
CA GLU E 90 -16.67 20.68 18.74
C GLU E 90 -16.78 20.67 17.22
N ARG E 91 -16.44 21.78 16.57
CA ARG E 91 -16.67 21.95 15.15
C ARG E 91 -15.43 21.74 14.29
N MET E 92 -14.24 22.00 14.83
CA MET E 92 -13.01 21.81 14.07
C MET E 92 -12.35 20.46 14.31
N GLY E 93 -12.66 19.80 15.42
CA GLY E 93 -12.07 18.50 15.69
C GLY E 93 -10.58 18.60 15.87
N ASP E 94 -9.84 17.75 15.16
CA ASP E 94 -8.39 17.68 15.26
C ASP E 94 -7.68 18.63 14.31
N THR E 95 -8.41 19.32 13.43
CA THR E 95 -7.78 20.23 12.48
C THR E 95 -7.25 21.47 13.20
N GLY E 96 -5.98 21.77 12.96
CA GLY E 96 -5.36 22.95 13.54
C GLY E 96 -5.33 24.13 12.60
N ILE E 97 -4.14 24.66 12.32
CA ILE E 97 -3.99 25.82 11.48
C ILE E 97 -3.48 25.40 10.11
N HIS E 98 -3.71 26.25 9.11
CA HIS E 98 -3.15 26.13 7.77
C HIS E 98 -2.32 27.39 7.54
N ALA E 99 -1.02 27.30 7.76
CA ALA E 99 -0.13 28.46 7.77
C ALA E 99 0.79 28.43 6.56
N ASP E 100 0.90 29.57 5.89
CA ASP E 100 1.79 29.74 4.73
C ASP E 100 2.48 31.08 4.88
N LEU E 101 3.73 31.05 5.33
CA LEU E 101 4.49 32.30 5.50
C LEU E 101 4.77 32.96 4.16
N GLN E 102 4.87 32.17 3.08
CA GLN E 102 5.10 32.73 1.76
C GLN E 102 3.85 33.45 1.26
N LYS E 103 2.67 32.86 1.49
CA LYS E 103 1.41 33.55 1.21
C LYS E 103 1.08 34.58 2.26
N GLY E 104 1.77 34.58 3.40
CA GLY E 104 1.55 35.57 4.43
C GLY E 104 0.24 35.44 5.18
N THR E 105 -0.30 34.23 5.27
CA THR E 105 -1.59 34.02 5.93
C THR E 105 -1.55 32.78 6.80
N VAL E 106 -2.18 32.86 7.96
CA VAL E 106 -2.42 31.73 8.84
C VAL E 106 -3.93 31.57 8.97
N GLU E 107 -4.46 30.45 8.50
CA GLU E 107 -5.89 30.16 8.60
C GLU E 107 -6.15 29.45 9.92
N LYS E 108 -6.85 30.12 10.83
CA LYS E 108 -7.10 29.55 12.15
C LYS E 108 -8.32 28.65 12.19
N TRP E 109 -9.24 28.79 11.23
CA TRP E 109 -10.42 27.93 11.11
C TRP E 109 -10.51 27.42 9.68
N PRO E 110 -9.60 26.53 9.26
CA PRO E 110 -9.62 26.07 7.87
C PRO E 110 -10.97 25.50 7.46
N ALA E 111 -11.38 25.82 6.22
CA ALA E 111 -12.62 25.37 5.61
C ALA E 111 -13.87 26.03 6.22
N LEU E 112 -13.99 26.01 7.55
CA LEU E 112 -15.24 26.41 8.18
C LEU E 112 -15.42 27.93 8.19
N ASN E 113 -14.38 28.68 8.56
CA ASN E 113 -14.45 30.14 8.64
C ASN E 113 -13.24 30.70 7.90
N LEU E 114 -13.44 31.07 6.63
CA LEU E 114 -12.36 31.62 5.82
C LEU E 114 -12.00 33.06 6.17
N PHE E 115 -12.83 33.73 6.99
CA PHE E 115 -12.48 35.07 7.44
C PHE E 115 -11.36 35.04 8.47
N SER E 116 -11.29 33.98 9.29
CA SER E 116 -10.41 33.91 10.44
C SER E 116 -8.99 33.64 9.97
N VAL E 117 -8.32 34.70 9.52
CA VAL E 117 -6.99 34.60 8.93
C VAL E 117 -6.08 35.61 9.60
N ASP E 118 -4.93 35.15 10.08
CA ASP E 118 -3.88 36.03 10.57
C ASP E 118 -2.95 36.38 9.41
N HIS E 119 -2.90 37.65 9.04
CA HIS E 119 -2.02 38.12 7.97
C HIS E 119 -0.70 38.53 8.58
N VAL E 120 0.37 37.83 8.20
CA VAL E 120 1.68 38.02 8.80
C VAL E 120 2.65 38.53 7.73
N LYS E 121 3.64 39.29 8.18
CA LYS E 121 4.77 39.68 7.35
C LYS E 121 5.95 39.95 8.26
N ASN E 122 7.16 39.68 7.73
CA ASN E 122 8.40 39.80 8.49
C ASN E 122 8.38 38.94 9.75
N ILE E 123 7.70 37.80 9.68
CA ILE E 123 7.70 36.80 10.75
C ILE E 123 8.49 35.60 10.23
N GLU E 124 9.60 35.28 10.91
CA GLU E 124 10.49 34.24 10.44
C GLU E 124 10.12 32.86 10.98
N ASN E 125 9.65 32.79 12.23
CA ASN E 125 9.38 31.52 12.88
C ASN E 125 7.90 31.40 13.23
N LEU E 126 7.39 30.18 13.15
CA LEU E 126 6.01 29.89 13.48
C LEU E 126 5.94 28.63 14.33
N HIS E 127 5.12 28.66 15.38
CA HIS E 127 4.84 27.50 16.20
C HIS E 127 3.36 27.15 16.05
N GLY E 128 3.09 25.88 15.77
CA GLY E 128 1.74 25.42 15.48
C GLY E 128 0.89 25.27 16.73
N SER E 129 -0.23 24.59 16.55
CA SER E 129 -1.18 24.33 17.63
C SER E 129 -0.94 22.92 18.18
N ARG E 130 -1.74 22.57 19.19
CA ARG E 130 -1.73 21.20 19.71
C ARG E 130 -2.54 20.25 18.84
N LEU E 131 -3.01 20.72 17.68
CA LEU E 131 -3.82 19.94 16.76
C LEU E 131 -3.04 19.73 15.45
N ASN E 132 -3.71 19.14 14.47
CA ASN E 132 -3.07 18.78 13.20
C ASN E 132 -2.94 20.02 12.33
N ASP E 133 -1.70 20.48 12.13
CA ASP E 133 -1.43 21.72 11.42
C ASP E 133 -0.81 21.44 10.05
N ARG E 134 -1.00 22.40 9.14
CA ARG E 134 -0.36 22.42 7.82
C ARG E 134 0.45 23.72 7.75
N ILE E 135 1.77 23.60 7.92
CA ILE E 135 2.64 24.76 8.06
C ILE E 135 3.62 24.80 6.90
N ALA E 136 3.76 25.97 6.28
CA ALA E 136 4.68 26.18 5.17
C ALA E 136 5.43 27.48 5.38
N GLY E 137 6.76 27.42 5.34
CA GLY E 137 7.59 28.60 5.49
C GLY E 137 7.70 29.37 4.19
N ASP E 138 8.65 30.31 4.18
CA ASP E 138 8.97 31.09 3.00
C ASP E 138 10.37 30.72 2.50
N ASP E 139 10.93 31.56 1.63
CA ASP E 139 12.28 31.34 1.13
C ASP E 139 13.35 31.85 2.08
N GLN E 140 12.97 32.28 3.27
CA GLN E 140 13.90 32.70 4.31
C GLN E 140 14.19 31.55 5.26
N ASP E 141 15.12 31.78 6.18
CA ASP E 141 15.40 30.80 7.23
C ASP E 141 14.27 30.81 8.25
N ASN E 142 13.51 29.72 8.31
CA ASN E 142 12.36 29.62 9.19
C ASN E 142 12.58 28.58 10.27
N GLU E 143 12.08 28.86 11.48
CA GLU E 143 11.92 27.86 12.52
C GLU E 143 10.44 27.50 12.58
N LEU E 144 10.12 26.27 12.20
CA LEU E 144 8.73 25.82 12.11
C LEU E 144 8.55 24.64 13.05
N TRP E 145 7.77 24.84 14.11
CA TRP E 145 7.49 23.81 15.10
C TRP E 145 6.04 23.37 14.96
N GLY E 146 5.83 22.06 14.90
CA GLY E 146 4.47 21.54 14.80
C GLY E 146 3.80 21.35 16.14
N HIS E 147 4.59 21.11 17.19
CA HIS E 147 4.09 20.81 18.54
C HIS E 147 3.18 19.57 18.44
N ASP E 148 2.22 19.43 19.35
CA ASP E 148 1.41 18.22 19.39
C ASP E 148 0.54 18.11 18.15
N GLY E 149 0.02 16.91 17.92
CA GLY E 149 -0.77 16.62 16.74
C GLY E 149 0.08 16.21 15.56
N ASN E 150 -0.60 15.67 14.54
CA ASN E 150 0.06 15.16 13.33
C ASN E 150 0.15 16.31 12.34
N ASP E 151 1.34 16.87 12.19
CA ASP E 151 1.55 18.08 11.41
C ASP E 151 2.32 17.80 10.13
N THR E 152 1.98 18.51 9.07
CA THR E 152 2.75 18.52 7.82
C THR E 152 3.43 19.87 7.71
N ILE E 153 4.76 19.87 7.62
CA ILE E 153 5.57 21.08 7.65
C ILE E 153 6.53 21.05 6.48
N ARG E 154 6.53 22.12 5.68
CA ARG E 154 7.48 22.29 4.59
C ARG E 154 8.15 23.65 4.74
N GLY E 155 9.48 23.65 4.68
CA GLY E 155 10.24 24.87 4.96
C GLY E 155 10.47 25.77 3.77
N ARG E 156 10.29 25.25 2.56
CA ARG E 156 10.58 25.96 1.31
C ARG E 156 12.08 26.29 1.30
N GLY E 157 12.46 27.37 0.63
CA GLY E 157 13.87 27.69 0.50
C GLY E 157 14.48 28.19 1.79
N GLY E 158 15.81 28.31 1.76
CA GLY E 158 16.56 28.74 2.91
C GLY E 158 16.85 27.63 3.90
N ASP E 159 17.69 27.94 4.87
CA ASP E 159 18.11 26.97 5.90
C ASP E 159 17.09 27.00 7.04
N ASP E 160 16.19 26.02 7.05
CA ASP E 160 15.10 25.99 8.02
C ASP E 160 15.40 24.99 9.13
N ILE E 161 14.74 25.21 10.27
CA ILE E 161 14.79 24.30 11.41
C ILE E 161 13.37 23.79 11.64
N LEU E 162 13.16 22.51 11.39
CA LEU E 162 11.86 21.88 11.53
C LEU E 162 11.85 21.00 12.76
N ARG E 163 10.81 21.13 13.57
CA ARG E 163 10.60 20.30 14.76
C ARG E 163 9.14 19.86 14.74
N GLY E 164 8.90 18.62 14.34
CA GLY E 164 7.53 18.12 14.29
C GLY E 164 6.86 18.08 15.65
N GLY E 165 7.64 17.97 16.72
CA GLY E 165 7.08 17.78 18.04
C GLY E 165 6.47 16.39 18.17
N LEU E 166 5.67 16.24 19.21
CA LEU E 166 4.93 14.99 19.39
C LEU E 166 3.91 14.83 18.27
N GLY E 167 3.77 13.61 17.78
CA GLY E 167 2.77 13.27 16.80
C GLY E 167 3.38 12.69 15.53
N LEU E 168 2.48 12.26 14.65
CA LEU E 168 2.81 11.65 13.37
C LEU E 168 3.04 12.76 12.35
N ASP E 169 4.28 13.23 12.26
CA ASP E 169 4.61 14.44 11.51
C ASP E 169 5.29 14.11 10.19
N THR E 170 4.95 14.89 9.17
CA THR E 170 5.54 14.78 7.84
C THR E 170 6.30 16.08 7.56
N LEU E 171 7.62 15.97 7.42
CA LEU E 171 8.51 17.12 7.43
C LEU E 171 9.32 17.19 6.14
N TYR E 172 9.13 18.27 5.39
CA TYR E 172 9.86 18.52 4.15
C TYR E 172 10.81 19.69 4.37
N GLY E 173 12.12 19.43 4.25
CA GLY E 173 13.08 20.52 4.33
C GLY E 173 13.16 21.35 3.06
N GLU E 174 12.99 20.71 1.91
CA GLU E 174 13.00 21.35 0.59
C GLU E 174 14.39 21.99 0.37
N ASP E 175 14.45 23.09 -0.37
CA ASP E 175 15.74 23.65 -0.76
C ASP E 175 16.46 24.25 0.45
N GLY E 176 17.78 24.12 0.45
CA GLY E 176 18.62 24.66 1.50
C GLY E 176 19.11 23.59 2.47
N ASN E 177 19.90 24.04 3.44
CA ASN E 177 20.46 23.18 4.47
C ASN E 177 19.56 23.24 5.70
N ASP E 178 18.68 22.24 5.83
CA ASP E 178 17.67 22.22 6.87
C ASP E 178 18.04 21.26 7.98
N ILE E 179 17.52 21.55 9.18
CA ILE E 179 17.76 20.73 10.37
C ILE E 179 16.41 20.23 10.87
N PHE E 180 16.35 18.94 11.19
CA PHE E 180 15.16 18.31 11.75
C PHE E 180 15.45 17.93 13.20
N LEU E 181 14.71 18.53 14.12
CA LEU E 181 14.85 18.23 15.54
C LEU E 181 13.78 17.21 15.94
N GLN E 182 14.22 16.05 16.39
CA GLN E 182 13.31 14.97 16.77
C GLN E 182 13.12 14.94 18.29
N ASP E 183 12.04 14.28 18.70
CA ASP E 183 11.59 14.33 20.08
C ASP E 183 11.36 12.92 20.64
N ASP E 184 11.44 12.84 21.97
CA ASP E 184 11.23 11.61 22.72
C ASP E 184 9.82 11.08 22.54
N GLU E 185 9.66 10.10 21.66
CA GLU E 185 8.35 9.53 21.35
C GLU E 185 8.55 8.29 20.48
N THR E 186 7.59 7.37 20.58
CA THR E 186 7.61 6.14 19.78
C THR E 186 6.86 6.30 18.47
N VAL E 187 6.06 7.35 18.32
CA VAL E 187 5.30 7.57 17.10
C VAL E 187 6.23 7.91 15.95
N SER E 188 5.91 7.42 14.76
CA SER E 188 6.78 7.54 13.61
C SER E 188 6.66 8.91 12.95
N ASP E 189 7.76 9.36 12.36
CA ASP E 189 7.81 10.60 11.59
C ASP E 189 8.35 10.31 10.19
N ASP E 190 7.98 11.19 9.25
CA ASP E 190 8.36 11.05 7.86
C ASP E 190 9.15 12.30 7.45
N ILE E 191 10.45 12.15 7.28
CA ILE E 191 11.37 13.26 7.07
C ILE E 191 11.93 13.18 5.66
N ASP E 192 11.88 14.29 4.93
CA ASP E 192 12.48 14.41 3.61
C ASP E 192 13.34 15.68 3.61
N GLY E 193 14.66 15.50 3.51
CA GLY E 193 15.54 16.64 3.59
C GLY E 193 15.48 17.54 2.37
N GLY E 194 15.09 16.98 1.23
CA GLY E 194 15.13 17.74 -0.01
C GLY E 194 16.56 17.95 -0.49
N ALA E 195 16.70 18.89 -1.42
CA ALA E 195 18.03 19.25 -1.87
C ALA E 195 18.79 19.97 -0.75
N GLY E 196 20.10 20.06 -0.92
CA GLY E 196 20.96 20.67 0.08
C GLY E 196 21.43 19.68 1.12
N LEU E 197 22.27 20.18 2.03
CA LEU E 197 22.89 19.36 3.06
C LEU E 197 22.06 19.44 4.33
N ASP E 198 21.32 18.38 4.62
CA ASP E 198 20.32 18.38 5.69
C ASP E 198 20.75 17.48 6.85
N THR E 199 20.22 17.78 8.03
CA THR E 199 20.63 17.16 9.27
C THR E 199 19.40 16.78 10.08
N VAL E 200 19.34 15.53 10.54
CA VAL E 200 18.35 15.09 11.50
C VAL E 200 19.03 14.96 12.86
N ASP E 201 18.40 15.48 13.90
CA ASP E 201 19.03 15.69 15.20
C ASP E 201 18.21 14.99 16.28
N TYR E 202 18.80 14.00 16.94
CA TYR E 202 18.11 13.20 17.94
C TYR E 202 18.61 13.47 19.36
N SER E 203 19.13 14.67 19.61
CA SER E 203 19.62 14.99 20.95
C SER E 203 18.52 14.86 22.00
N ALA E 204 17.30 15.31 21.66
CA ALA E 204 16.20 15.36 22.60
C ALA E 204 15.62 13.98 22.94
N MET E 205 16.11 12.91 22.32
CA MET E 205 15.66 11.57 22.70
C MET E 205 15.97 11.28 24.16
N ILE E 206 17.13 11.73 24.64
CA ILE E 206 17.61 11.43 25.97
C ILE E 206 17.79 12.74 26.71
N HIS E 207 16.98 12.96 27.75
CA HIS E 207 16.95 14.22 28.47
C HIS E 207 16.87 13.94 29.97
N PRO E 208 17.11 14.94 30.82
CA PRO E 208 16.85 14.75 32.25
C PRO E 208 15.37 14.51 32.50
N GLY E 209 15.09 13.74 33.54
CA GLY E 209 13.74 13.35 33.84
C GLY E 209 13.38 12.01 33.22
N ARG E 210 12.10 11.67 33.32
CA ARG E 210 11.64 10.39 32.79
C ARG E 210 11.60 10.43 31.26
N ILE E 211 12.07 9.35 30.65
CA ILE E 211 12.10 9.21 29.21
C ILE E 211 10.95 8.30 28.79
N VAL E 212 10.10 8.79 27.90
CA VAL E 212 8.89 8.05 27.54
C VAL E 212 9.24 6.85 26.67
N ALA E 213 9.97 7.08 25.58
CA ALA E 213 10.23 6.01 24.63
C ALA E 213 11.25 5.02 25.22
N PRO E 214 11.11 3.73 24.93
CA PRO E 214 12.05 2.74 25.47
C PRO E 214 13.34 2.68 24.66
N HIS E 215 14.40 2.27 25.36
CA HIS E 215 15.72 2.08 24.78
C HIS E 215 16.39 0.86 25.40
N GLU E 216 15.67 -0.27 25.36
CA GLU E 216 16.05 -1.45 26.13
C GLU E 216 17.24 -2.21 25.56
N TYR E 217 17.63 -1.94 24.32
CA TYR E 217 18.81 -2.59 23.75
C TYR E 217 20.10 -1.88 24.11
N GLY E 218 20.03 -0.83 24.93
CA GLY E 218 21.21 -0.08 25.30
C GLY E 218 21.62 1.00 24.33
N PHE E 219 20.81 1.27 23.31
CA PHE E 219 21.11 2.26 22.29
C PHE E 219 20.14 3.44 22.37
N GLY E 220 20.65 4.62 22.07
CA GLY E 220 19.80 5.78 21.88
C GLY E 220 19.00 5.66 20.61
N ILE E 221 19.67 5.90 19.48
CA ILE E 221 19.08 5.68 18.17
C ILE E 221 20.00 4.74 17.38
N GLU E 222 19.41 4.05 16.41
CA GLU E 222 20.15 3.29 15.41
C GLU E 222 19.74 3.82 14.05
N ALA E 223 20.62 4.59 13.42
CA ALA E 223 20.31 5.32 12.21
C ALA E 223 21.04 4.70 11.02
N ASP E 224 20.28 4.41 9.96
CA ASP E 224 20.83 3.84 8.73
C ASP E 224 20.34 4.68 7.57
N LEU E 225 21.16 5.65 7.14
CA LEU E 225 20.82 6.46 5.98
C LEU E 225 20.86 5.64 4.70
N SER E 226 21.66 4.57 4.67
CA SER E 226 21.73 3.73 3.48
C SER E 226 20.43 2.98 3.26
N ARG E 227 19.67 2.73 4.32
CA ARG E 227 18.38 2.08 4.22
C ARG E 227 17.21 3.03 4.42
N GLU E 228 17.49 4.30 4.73
CA GLU E 228 16.50 5.38 4.78
C GLU E 228 15.55 5.24 5.96
N TRP E 229 16.03 4.76 7.10
CA TRP E 229 15.24 4.75 8.31
C TRP E 229 16.14 4.98 9.52
N VAL E 230 15.50 5.33 10.64
CA VAL E 230 16.17 5.50 11.92
C VAL E 230 15.33 4.79 12.98
N ARG E 231 15.95 3.87 13.71
CA ARG E 231 15.28 3.25 14.85
C ARG E 231 15.42 4.20 16.03
N LYS E 232 14.35 4.95 16.31
CA LYS E 232 14.39 5.97 17.35
C LYS E 232 14.12 5.42 18.74
N ALA E 233 13.51 4.24 18.84
CA ALA E 233 13.18 3.65 20.13
C ALA E 233 13.05 2.15 19.96
N SER E 234 13.34 1.42 21.03
CA SER E 234 13.38 -0.03 20.96
C SER E 234 12.97 -0.63 22.29
N ALA E 235 12.12 -1.65 22.24
CA ALA E 235 11.74 -2.44 23.41
C ALA E 235 11.84 -3.91 23.05
N LEU E 236 11.59 -4.75 24.05
CA LEU E 236 11.53 -6.18 23.83
C LEU E 236 10.36 -6.50 22.89
N GLY E 237 10.67 -6.87 21.65
CA GLY E 237 9.64 -7.29 20.72
C GLY E 237 8.86 -6.20 20.03
N VAL E 238 9.39 -4.97 19.98
CA VAL E 238 8.76 -3.90 19.21
C VAL E 238 9.80 -2.82 18.95
N ASP E 239 9.83 -2.36 17.70
CA ASP E 239 10.74 -1.31 17.27
C ASP E 239 9.96 -0.11 16.77
N TYR E 240 10.58 1.06 16.81
CA TYR E 240 9.95 2.30 16.41
C TYR E 240 10.88 3.05 15.46
N TYR E 241 10.41 3.29 14.25
CA TYR E 241 11.25 3.79 13.16
C TYR E 241 10.75 5.14 12.66
N ASP E 242 11.70 5.97 12.24
CA ASP E 242 11.42 7.13 11.40
C ASP E 242 11.79 6.80 9.96
N ASN E 243 11.09 7.41 9.02
CA ASN E 243 11.44 7.34 7.61
C ASN E 243 12.20 8.62 7.26
N VAL E 244 13.49 8.47 6.94
CA VAL E 244 14.37 9.60 6.70
C VAL E 244 14.94 9.45 5.29
N ARG E 245 14.70 10.46 4.44
CA ARG E 245 15.16 10.45 3.07
C ARG E 245 15.83 11.77 2.74
N ASN E 246 16.87 11.70 1.91
CA ASN E 246 17.60 12.87 1.41
C ASN E 246 18.22 13.68 2.53
N VAL E 247 18.52 13.06 3.67
CA VAL E 247 19.18 13.71 4.80
C VAL E 247 20.61 13.19 4.86
N GLU E 248 21.57 14.12 4.86
CA GLU E 248 22.98 13.74 4.76
C GLU E 248 23.66 13.57 6.10
N ASN E 249 23.16 14.23 7.16
CA ASN E 249 23.84 14.26 8.44
C ASN E 249 22.91 13.79 9.55
N VAL E 250 23.51 13.16 10.57
CA VAL E 250 22.78 12.65 11.73
C VAL E 250 23.55 13.06 12.99
N ILE E 251 22.84 13.59 13.97
CA ILE E 251 23.39 13.89 15.28
C ILE E 251 22.77 12.92 16.28
N GLY E 252 23.61 12.19 16.99
CA GLY E 252 23.15 11.15 17.89
C GLY E 252 22.71 11.70 19.24
N THR E 253 22.52 10.77 20.17
CA THR E 253 22.10 11.08 21.53
C THR E 253 23.30 11.00 22.48
N SER E 254 23.03 11.11 23.78
CA SER E 254 24.06 10.95 24.79
C SER E 254 24.31 9.50 25.17
N MET E 255 23.47 8.58 24.72
CA MET E 255 23.69 7.15 24.92
C MET E 255 24.50 6.58 23.75
N LYS E 256 24.77 5.28 23.81
CA LYS E 256 25.36 4.60 22.66
C LYS E 256 24.42 4.73 21.47
N ASP E 257 24.99 5.09 20.33
CA ASP E 257 24.23 5.16 19.08
C ASP E 257 24.94 4.34 18.02
N VAL E 258 24.15 3.88 17.05
CA VAL E 258 24.66 3.35 15.79
C VAL E 258 24.29 4.33 14.70
N LEU E 259 25.29 4.88 14.02
CA LEU E 259 25.09 5.81 12.92
C LEU E 259 25.75 5.23 11.69
N ILE E 260 24.94 4.93 10.68
CA ILE E 260 25.42 4.35 9.42
C ILE E 260 25.03 5.30 8.30
N GLY E 261 26.02 5.74 7.53
CA GLY E 261 25.78 6.67 6.44
C GLY E 261 25.34 5.97 5.17
N ASP E 262 25.24 6.78 4.10
CA ASP E 262 24.93 6.24 2.79
C ASP E 262 26.05 6.58 1.81
N ALA E 263 25.76 6.54 0.51
CA ALA E 263 26.77 6.77 -0.50
C ALA E 263 27.20 8.23 -0.60
N GLN E 264 26.43 9.16 -0.05
CA GLN E 264 26.76 10.56 -0.11
C GLN E 264 27.82 10.91 0.94
N ALA E 265 28.27 12.16 0.89
CA ALA E 265 29.14 12.70 1.93
C ALA E 265 28.31 12.98 3.16
N ASN E 266 28.57 12.24 4.24
CA ASN E 266 27.81 12.34 5.47
C ASN E 266 28.64 12.97 6.58
N THR E 267 27.96 13.67 7.48
CA THR E 267 28.54 14.13 8.74
C THR E 267 27.76 13.45 9.86
N LEU E 268 28.41 12.55 10.58
CA LEU E 268 27.77 11.78 11.64
C LEU E 268 28.46 12.09 12.95
N MET E 269 27.67 12.50 13.95
CA MET E 269 28.19 12.94 15.25
C MET E 269 27.57 12.08 16.33
N GLY E 270 28.37 11.19 16.92
CA GLY E 270 27.85 10.27 17.91
C GLY E 270 27.50 10.91 19.24
N GLN E 271 28.19 12.00 19.59
CA GLN E 271 28.02 12.68 20.87
C GLN E 271 28.36 11.74 22.02
N GLY E 272 27.69 11.89 23.16
CA GLY E 272 28.02 11.11 24.33
C GLY E 272 27.78 9.63 24.13
N GLY E 273 28.45 8.84 24.97
CA GLY E 273 28.31 7.40 24.94
C GLY E 273 29.24 6.74 23.94
N ASP E 274 29.40 5.42 24.09
CA ASP E 274 30.27 4.64 23.22
C ASP E 274 29.54 4.34 21.92
N ASP E 275 29.89 5.07 20.87
CA ASP E 275 29.13 5.05 19.62
C ASP E 275 29.81 4.19 18.56
N THR E 276 28.99 3.71 17.62
CA THR E 276 29.44 2.95 16.47
C THR E 276 29.00 3.70 15.22
N VAL E 277 29.96 4.16 14.43
CA VAL E 277 29.70 5.03 13.29
C VAL E 277 30.36 4.43 12.04
N ARG E 278 29.57 4.23 10.99
CA ARG E 278 30.06 3.73 9.71
C ARG E 278 29.61 4.69 8.62
N GLY E 279 30.58 5.31 7.94
CA GLY E 279 30.27 6.33 6.96
C GLY E 279 29.78 5.81 5.62
N GLY E 280 30.15 4.59 5.25
CA GLY E 280 29.79 4.12 3.94
C GLY E 280 30.60 4.80 2.84
N ASP E 281 30.09 4.73 1.63
CA ASP E 281 30.76 5.35 0.50
C ASP E 281 30.71 6.87 0.61
N GLY E 282 31.52 7.54 -0.22
CA GLY E 282 31.61 8.99 -0.20
C GLY E 282 32.60 9.48 0.83
N ASP E 283 32.90 10.77 0.74
CA ASP E 283 33.85 11.42 1.64
C ASP E 283 33.10 11.90 2.88
N ASP E 284 33.28 11.20 4.00
CA ASP E 284 32.47 11.43 5.19
C ASP E 284 33.26 12.13 6.29
N LEU E 285 32.51 12.78 7.17
CA LEU E 285 33.05 13.48 8.33
C LEU E 285 32.48 12.80 9.57
N LEU E 286 33.33 12.13 10.35
CA LEU E 286 32.90 11.26 11.44
C LEU E 286 33.35 11.85 12.76
N PHE E 287 32.39 12.04 13.68
CA PHE E 287 32.66 12.60 15.00
C PHE E 287 32.24 11.59 16.05
N GLY E 288 33.18 11.15 16.88
CA GLY E 288 32.86 10.24 17.96
C GLY E 288 32.29 10.96 19.17
N GLY E 289 32.81 12.15 19.46
CA GLY E 289 32.39 12.86 20.65
C GLY E 289 33.02 12.27 21.90
N ASP E 290 32.33 12.43 23.03
CA ASP E 290 32.79 11.82 24.26
C ASP E 290 32.49 10.33 24.25
N GLY E 291 33.22 9.59 25.10
CA GLY E 291 33.07 8.16 25.17
C GLY E 291 34.02 7.42 24.26
N ASN E 292 34.02 6.10 24.38
CA ASN E 292 34.93 5.23 23.65
C ASN E 292 34.24 4.78 22.37
N ASP E 293 34.59 5.42 21.26
CA ASP E 293 33.85 5.28 20.01
C ASP E 293 34.60 4.42 19.01
N MET E 294 33.85 3.92 18.03
CA MET E 294 34.38 3.12 16.93
C MET E 294 33.93 3.78 15.63
N LEU E 295 34.88 4.33 14.88
CA LEU E 295 34.59 5.10 13.69
C LEU E 295 35.18 4.42 12.47
N TYR E 296 34.34 4.17 11.47
CA TYR E 296 34.75 3.50 10.23
C TYR E 296 34.37 4.40 9.06
N GLY E 297 35.38 4.89 8.35
CA GLY E 297 35.13 5.71 7.17
C GLY E 297 34.67 4.95 5.96
N ASP E 298 35.03 3.67 5.86
CA ASP E 298 34.69 2.82 4.71
C ASP E 298 35.35 3.42 3.47
N ALA E 299 34.75 3.24 2.30
CA ALA E 299 35.31 3.79 1.08
C ALA E 299 35.16 5.30 1.02
N GLY E 300 36.07 5.94 0.29
CA GLY E 300 36.09 7.38 0.17
C GLY E 300 37.19 8.01 1.02
N ASN E 301 37.37 9.31 0.82
CA ASN E 301 38.37 10.08 1.56
C ASN E 301 37.70 10.67 2.81
N ASP E 302 37.84 9.98 3.93
CA ASP E 302 37.12 10.31 5.14
C ASP E 302 38.02 11.03 6.14
N THR E 303 37.36 11.71 7.09
CA THR E 303 38.03 12.41 8.18
C THR E 303 37.36 11.99 9.48
N LEU E 304 38.14 11.43 10.40
CA LEU E 304 37.61 10.82 11.61
C LEU E 304 38.11 11.61 12.82
N TYR E 305 37.18 12.00 13.70
CA TYR E 305 37.49 12.73 14.92
C TYR E 305 37.05 11.85 16.09
N GLY E 306 38.01 11.20 16.75
CA GLY E 306 37.66 10.37 17.89
C GLY E 306 37.12 11.16 19.06
N GLY E 307 37.57 12.39 19.23
CA GLY E 307 37.17 13.17 20.38
C GLY E 307 37.78 12.62 21.66
N LEU E 308 37.17 13.02 22.77
CA LEU E 308 37.59 12.53 24.07
C LEU E 308 37.32 11.02 24.17
N GLY E 309 38.11 10.35 25.00
CA GLY E 309 37.93 8.93 25.24
C GLY E 309 38.85 8.07 24.40
N ASP E 310 38.75 6.76 24.64
CA ASP E 310 39.60 5.78 23.98
C ASP E 310 38.87 5.27 22.74
N ASP E 311 39.23 5.77 21.57
CA ASP E 311 38.49 5.53 20.35
C ASP E 311 39.26 4.65 19.37
N THR E 312 38.50 3.92 18.56
CA THR E 312 39.03 3.09 17.49
C THR E 312 38.67 3.72 16.16
N LEU E 313 39.68 4.14 15.40
CA LEU E 313 39.49 4.86 14.14
C LEU E 313 40.01 4.00 12.99
N GLU E 314 39.15 3.77 12.00
CA GLU E 314 39.53 3.02 10.81
C GLU E 314 39.10 3.79 9.58
N GLY E 315 40.08 4.25 8.79
CA GLY E 315 39.75 5.04 7.61
C GLY E 315 39.06 4.26 6.52
N GLY E 316 39.38 2.98 6.38
CA GLY E 316 38.74 2.13 5.40
C GLY E 316 39.60 1.87 4.19
N ALA E 317 38.99 1.21 3.20
CA ALA E 317 39.66 0.83 1.98
C ALA E 317 38.82 1.22 0.78
N GLY E 318 39.50 1.47 -0.34
CA GLY E 318 38.81 1.89 -1.54
C GLY E 318 38.01 0.75 -2.15
N ASN E 319 36.83 1.08 -2.69
CA ASN E 319 35.98 0.09 -3.32
C ASN E 319 36.33 -0.14 -4.79
N ASP E 320 37.02 0.80 -5.42
CA ASP E 320 37.33 0.75 -6.85
C ASP E 320 36.08 0.52 -7.68
N ALA E 327 44.13 3.67 -4.89
CA ALA E 327 45.00 4.80 -5.19
C ALA E 327 44.45 6.08 -4.57
N ARG E 328 43.21 6.43 -4.93
CA ARG E 328 42.55 7.62 -4.40
C ARG E 328 41.83 7.28 -3.09
N GLU E 329 42.62 6.88 -2.09
CA GLU E 329 42.09 6.59 -0.76
C GLU E 329 43.02 7.23 0.25
N HIS E 330 42.67 8.43 0.71
CA HIS E 330 43.40 9.14 1.76
C HIS E 330 42.42 9.46 2.87
N ASP E 331 42.63 8.86 4.04
CA ASP E 331 41.79 9.10 5.20
C ASP E 331 42.57 9.87 6.26
N VAL E 332 41.89 10.78 6.94
CA VAL E 332 42.46 11.57 8.02
C VAL E 332 41.92 11.02 9.33
N LEU E 333 42.82 10.58 10.21
CA LEU E 333 42.45 9.97 11.48
C LEU E 333 42.98 10.85 12.61
N ARG E 334 42.07 11.48 13.34
CA ARG E 334 42.41 12.33 14.48
C ARG E 334 41.72 11.77 15.72
N GLY E 335 42.43 10.89 16.43
CA GLY E 335 41.86 10.25 17.60
C GLY E 335 41.56 11.19 18.74
N GLY E 336 42.20 12.36 18.77
CA GLY E 336 42.00 13.31 19.83
C GLY E 336 42.70 12.90 21.11
N ASP E 337 42.17 13.39 22.23
CA ASP E 337 42.71 13.01 23.52
C ASP E 337 42.29 11.59 23.88
N GLY E 338 43.11 10.94 24.70
CA GLY E 338 42.85 9.59 25.13
C GLY E 338 43.70 8.57 24.38
N VAL E 339 43.59 7.32 24.83
CA VAL E 339 44.35 6.20 24.28
C VAL E 339 43.57 5.69 23.07
N ASP E 340 44.02 6.00 21.87
CA ASP E 340 43.30 5.69 20.64
C ASP E 340 44.00 4.61 19.84
N THR E 341 43.20 3.82 19.11
CA THR E 341 43.68 2.72 18.29
C THR E 341 43.33 2.99 16.84
N TYR E 342 44.34 2.93 15.97
CA TYR E 342 44.16 3.18 14.55
C TYR E 342 44.33 1.86 13.80
N LEU E 343 43.37 1.54 12.94
CA LEU E 343 43.39 0.31 12.16
C LEU E 343 43.86 0.59 10.74
N PHE E 344 44.72 -0.29 10.22
CA PHE E 344 45.25 -0.16 8.89
C PHE E 344 45.48 -1.56 8.31
N GLY E 345 45.42 -1.65 6.99
CA GLY E 345 45.59 -2.94 6.34
C GLY E 345 45.88 -2.79 4.87
N VAL E 346 45.98 -3.94 4.19
CA VAL E 346 46.22 -3.96 2.76
C VAL E 346 45.01 -3.39 2.04
N GLY E 347 45.27 -2.54 1.03
CA GLY E 347 44.20 -1.90 0.29
C GLY E 347 43.64 -0.65 0.92
N TYR E 348 44.21 -0.20 2.04
CA TYR E 348 43.69 0.98 2.72
C TYR E 348 44.19 2.29 2.11
N GLY E 349 45.24 2.23 1.30
CA GLY E 349 45.75 3.43 0.66
C GLY E 349 46.75 4.19 1.49
N HIS E 350 46.63 5.52 1.52
CA HIS E 350 47.56 6.39 2.23
C HIS E 350 46.78 7.17 3.28
N ASP E 351 46.85 6.72 4.52
CA ASP E 351 46.14 7.36 5.63
C ASP E 351 47.12 8.10 6.54
N THR E 352 46.64 9.16 7.16
CA THR E 352 47.47 10.02 8.00
C THR E 352 46.85 10.12 9.39
N ILE E 353 47.67 9.88 10.41
CA ILE E 353 47.27 10.01 11.81
C ILE E 353 47.77 11.36 12.34
N TYR E 354 46.91 12.05 13.08
CA TYR E 354 47.29 13.26 13.81
C TYR E 354 47.03 13.01 15.29
N GLU E 355 48.09 13.04 16.08
CA GLU E 355 47.99 12.76 17.50
C GLU E 355 48.54 13.92 18.31
N SER E 356 48.27 13.88 19.61
CA SER E 356 48.74 14.89 20.56
C SER E 356 48.71 14.29 21.95
N GLY E 357 49.34 14.98 22.89
CA GLY E 357 49.38 14.53 24.26
C GLY E 357 50.34 13.41 24.56
N GLY E 358 50.91 12.78 23.53
CA GLY E 358 51.94 11.77 23.71
C GLY E 358 51.57 10.64 24.66
N GLY E 359 50.43 10.01 24.44
CA GLY E 359 49.99 8.90 25.27
C GLY E 359 50.42 7.56 24.71
N HIS E 360 49.69 6.52 25.12
CA HIS E 360 49.97 5.15 24.67
C HIS E 360 49.04 4.75 23.53
N ASP E 361 48.88 5.64 22.55
CA ASP E 361 48.06 5.31 21.38
C ASP E 361 48.70 4.19 20.59
N THR E 362 47.87 3.29 20.07
CA THR E 362 48.35 2.10 19.38
C THR E 362 47.88 2.11 17.93
N ILE E 363 48.60 1.36 17.10
CA ILE E 363 48.24 1.12 15.71
C ILE E 363 48.09 -0.39 15.53
N ARG E 364 46.98 -0.82 14.94
CA ARG E 364 46.76 -2.21 14.60
C ARG E 364 46.81 -2.37 13.09
N ILE E 365 47.80 -3.11 12.60
CA ILE E 365 47.99 -3.35 11.17
C ILE E 365 47.70 -4.82 10.89
N ASN E 366 46.84 -5.07 9.91
CA ASN E 366 46.53 -6.44 9.49
C ASN E 366 47.62 -6.94 8.54
N ALA E 367 48.80 -7.14 9.12
CA ALA E 367 49.95 -7.65 8.40
C ALA E 367 51.00 -8.10 9.40
N GLY E 368 51.81 -9.07 9.01
CA GLY E 368 52.86 -9.56 9.89
C GLY E 368 53.91 -8.49 10.16
N ALA E 369 54.57 -8.63 11.31
CA ALA E 369 55.55 -7.62 11.72
C ALA E 369 56.70 -7.52 10.72
N ASP E 370 57.11 -8.65 10.15
CA ASP E 370 58.20 -8.63 9.18
C ASP E 370 57.79 -8.05 7.83
N GLN E 371 56.49 -7.82 7.61
CA GLN E 371 56.00 -7.12 6.43
C GLN E 371 56.04 -5.60 6.59
N LEU E 372 56.42 -5.10 7.76
CA LEU E 372 56.34 -3.68 8.06
C LEU E 372 57.65 -2.99 7.71
N TRP E 373 57.53 -1.77 7.18
CA TRP E 373 58.67 -1.02 6.67
C TRP E 373 58.51 0.43 7.12
N PHE E 374 59.45 0.91 7.92
CA PHE E 374 59.39 2.24 8.51
C PHE E 374 60.32 3.18 7.77
N ALA E 375 59.83 4.37 7.43
CA ALA E 375 60.63 5.37 6.73
C ALA E 375 60.25 6.75 7.23
N ARG E 376 61.27 7.60 7.39
CA ARG E 376 61.03 9.00 7.72
C ARG E 376 60.75 9.79 6.45
N GLN E 377 59.72 10.62 6.50
CA GLN E 377 59.35 11.49 5.38
C GLN E 377 59.19 12.90 5.92
N GLY E 378 60.19 13.75 5.67
CA GLY E 378 60.23 15.07 6.27
C GLY E 378 60.27 14.97 7.78
N ASN E 379 59.16 15.32 8.43
CA ASN E 379 59.02 15.14 9.86
C ASN E 379 58.03 14.03 10.20
N ASP E 380 57.46 13.37 9.21
CA ASP E 380 56.48 12.31 9.43
C ASP E 380 57.15 10.94 9.48
N LEU E 381 56.54 10.04 10.23
CA LEU E 381 56.88 8.62 10.18
C LEU E 381 55.91 7.92 9.24
N GLU E 382 56.44 7.07 8.37
CA GLU E 382 55.66 6.42 7.32
C GLU E 382 55.83 4.92 7.44
N ILE E 383 54.73 4.23 7.75
CA ILE E 383 54.72 2.78 7.92
C ILE E 383 54.12 2.17 6.66
N ARG E 384 54.94 1.47 5.90
CA ARG E 384 54.50 0.81 4.67
C ARG E 384 54.40 -0.69 4.88
N ILE E 385 53.46 -1.31 4.16
CA ILE E 385 53.35 -2.76 4.11
C ILE E 385 54.09 -3.24 2.87
N LEU E 386 55.05 -4.14 3.06
CA LEU E 386 55.87 -4.60 1.94
C LEU E 386 54.99 -5.29 0.89
N GLY E 387 55.36 -5.11 -0.37
CA GLY E 387 54.61 -5.64 -1.48
C GLY E 387 53.39 -4.83 -1.87
N THR E 388 53.02 -3.81 -1.09
CA THR E 388 51.85 -3.01 -1.36
C THR E 388 52.25 -1.55 -1.56
N ASP E 389 51.31 -0.77 -2.06
CA ASP E 389 51.42 0.68 -2.14
C ASP E 389 50.77 1.37 -0.93
N ASP E 390 50.32 0.60 0.04
CA ASP E 390 49.64 1.15 1.21
C ASP E 390 50.65 1.69 2.21
N ALA E 391 50.37 2.88 2.74
CA ALA E 391 51.28 3.55 3.66
C ALA E 391 50.49 4.29 4.72
N LEU E 392 50.91 4.14 5.97
CA LEU E 392 50.28 4.82 7.10
C LEU E 392 51.25 5.87 7.63
N THR E 393 50.82 7.13 7.63
CA THR E 393 51.67 8.25 8.00
C THR E 393 51.22 8.80 9.35
N VAL E 394 52.16 8.95 10.27
CA VAL E 394 51.92 9.63 11.54
C VAL E 394 52.49 11.04 11.39
N HIS E 395 51.60 12.03 11.40
CA HIS E 395 52.01 13.40 11.08
C HIS E 395 52.91 13.98 12.15
N ASP E 396 54.03 14.57 11.71
CA ASP E 396 54.97 15.28 12.58
C ASP E 396 55.53 14.37 13.67
N TRP E 397 55.65 13.07 13.37
CA TRP E 397 56.17 12.11 14.34
C TRP E 397 57.54 12.49 14.86
N TYR E 398 58.37 13.10 14.03
CA TYR E 398 59.74 13.42 14.41
C TYR E 398 59.89 14.81 15.03
N ARG E 399 58.83 15.62 15.03
CA ARG E 399 58.92 16.96 15.61
C ARG E 399 59.08 16.89 17.12
N ASP E 400 58.25 16.10 17.80
CA ASP E 400 58.34 15.96 19.25
C ASP E 400 57.56 14.72 19.66
N ALA E 401 57.65 14.41 20.96
CA ALA E 401 57.04 13.19 21.48
C ALA E 401 55.52 13.26 21.46
N ASP E 402 54.95 14.47 21.53
CA ASP E 402 53.50 14.60 21.62
C ASP E 402 52.80 14.02 20.40
N HIS E 403 53.42 14.16 19.22
CA HIS E 403 52.81 13.66 18.00
C HIS E 403 53.09 12.17 17.75
N ARG E 404 53.86 11.53 18.61
CA ARG E 404 54.34 10.18 18.33
C ARG E 404 53.32 9.11 18.72
N VAL E 405 53.34 8.02 17.97
CA VAL E 405 52.64 6.78 18.29
C VAL E 405 53.67 5.67 18.23
N GLU E 406 53.84 4.93 19.33
CA GLU E 406 54.96 4.02 19.47
C GLU E 406 54.58 2.57 19.71
N ILE E 407 53.29 2.23 19.71
CA ILE E 407 52.85 0.85 19.92
C ILE E 407 52.12 0.38 18.67
N ILE E 408 52.56 -0.76 18.14
CA ILE E 408 52.00 -1.33 16.92
C ILE E 408 51.68 -2.80 17.18
N HIS E 409 50.41 -3.17 17.02
CA HIS E 409 49.98 -4.55 17.08
C HIS E 409 49.89 -5.09 15.66
N ALA E 410 50.61 -6.18 15.40
CA ALA E 410 50.65 -6.78 14.07
C ALA E 410 49.95 -8.13 14.08
N ALA E 411 49.56 -8.57 12.88
CA ALA E 411 48.92 -9.88 12.71
C ALA E 411 49.97 -10.95 12.44
P PO4 F . 19.15 -57.25 -25.47
O1 PO4 F . 17.78 -57.89 -25.41
O2 PO4 F . 19.52 -56.74 -24.10
O3 PO4 F . 20.16 -58.27 -25.93
O4 PO4 F . 19.12 -56.09 -26.44
CA CA G . 10.85 42.26 15.58
CA CA H . 11.30 39.92 11.41
CA CA I . 0.38 20.78 15.87
CA CA J . 12.32 28.66 4.50
CA CA K . 3.48 17.16 15.89
CA CA L . 14.61 24.74 3.26
CA CA M . 6.86 13.63 15.81
CA CA N . 17.07 20.77 2.23
CA CA O . 19.57 16.65 1.13
CA CA P . 25.79 8.85 21.32
CA CA Q . 28.81 8.20 3.25
CA CA R . 30.55 9.13 21.57
CA CA S . 33.28 7.04 3.43
CA CA T . 35.23 9.62 21.70
CA CA U . 38.03 5.85 3.66
CA CA V . 40.13 9.91 21.69
CA CA W . 42.19 4.42 3.97
CA CA X . 44.84 10.02 21.26
CA CA Y . 49.07 10.87 22.30
#